data_2YXZ
#
_entry.id   2YXZ
#
_cell.length_a   141.564
_cell.length_b   52.190
_cell.length_c   181.124
_cell.angle_alpha   90.00
_cell.angle_beta   108.33
_cell.angle_gamma   90.00
#
_symmetry.space_group_name_H-M   'C 1 2 1'
#
loop_
_entity.id
_entity.type
_entity.pdbx_description
1 polymer 'Thiamin-monophosphate kinase'
2 water water
#
_entity_poly.entity_id   1
_entity_poly.type   'polypeptide(L)'
_entity_poly.pdbx_seq_one_letter_code
;MRLKDLGERALLARLAPLGYPPEAPLPPGDDAGGVWAEGRAWLLKTDGFLYREVALKGMGPFEVGFRGVAATASDLLAKM
GRPLGFTLGLFLPEDLEEGFVLELVRGAAEAAKRLGAFLLGGDTNRGVEVALTVSGYALAEAPLPRKALPGDLLYLAGDR
WGRTGAAIRAHYEGRSLEGFPKIREAAFYPLPRLELLALSGLLRGSLDSSDGLAETLWQLADLGVGVEVEALPLYPDVLA
FAGSEEAALELVLYGGEEFEAVLVVPQEGAAAVEARAKAKGLPLFRAGRVVAGEGVYLRGAPLPRKGYAHF
;
_entity_poly.pdbx_strand_id   A,B,C,D
#
# COMPACT_ATOMS: atom_id res chain seq x y z
N MET A 1 22.25 7.86 13.01
CA MET A 1 20.96 7.13 13.12
C MET A 1 20.24 7.07 11.78
N ARG A 2 19.76 5.88 11.43
CA ARG A 2 19.04 5.67 10.17
C ARG A 2 17.65 6.30 10.23
N LEU A 3 17.16 6.77 9.09
CA LEU A 3 15.84 7.43 9.04
C LEU A 3 14.72 6.62 9.70
N LYS A 4 14.74 5.30 9.50
CA LYS A 4 13.74 4.41 10.11
C LYS A 4 13.57 4.65 11.60
N ASP A 5 14.69 4.67 12.32
CA ASP A 5 14.67 4.87 13.76
C ASP A 5 14.47 6.32 14.16
N LEU A 6 14.91 7.24 13.30
CA LEU A 6 14.79 8.67 13.56
C LEU A 6 13.33 9.11 13.58
N GLY A 7 12.60 8.75 12.53
CA GLY A 7 11.21 9.16 12.44
C GLY A 7 11.12 10.43 11.63
N GLU A 8 9.97 10.67 11.01
CA GLU A 8 9.78 11.84 10.19
C GLU A 8 9.72 13.15 10.97
N ARG A 9 9.04 13.14 12.11
CA ARG A 9 8.93 14.36 12.93
C ARG A 9 10.31 14.88 13.33
N ALA A 10 11.17 14.02 13.85
CA ALA A 10 12.50 14.42 14.27
C ALA A 10 13.34 14.92 13.10
N LEU A 11 13.25 14.23 11.97
CA LEU A 11 14.00 14.64 10.79
C LEU A 11 13.56 16.03 10.32
N LEU A 12 12.25 16.25 10.26
CA LEU A 12 11.75 17.53 9.81
C LEU A 12 12.16 18.67 10.73
N ALA A 13 12.15 18.42 12.04
CA ALA A 13 12.52 19.45 12.99
C ALA A 13 13.99 19.83 12.84
N ARG A 14 14.81 18.86 12.49
CA ARG A 14 16.23 19.10 12.33
C ARG A 14 16.51 19.89 11.06
N LEU A 15 15.72 19.63 10.02
CA LEU A 15 15.91 20.28 8.72
C LEU A 15 15.24 21.65 8.56
N ALA A 16 14.19 21.89 9.33
CA ALA A 16 13.43 23.14 9.25
C ALA A 16 14.20 24.47 9.26
N PRO A 17 15.17 24.63 10.18
CA PRO A 17 15.92 25.89 10.24
C PRO A 17 17.06 26.06 9.24
N LEU A 18 17.48 24.98 8.61
CA LEU A 18 18.61 25.04 7.68
C LEU A 18 18.35 25.95 6.48
N GLY A 19 19.13 27.03 6.40
CA GLY A 19 18.98 27.96 5.29
C GLY A 19 17.74 28.84 5.35
N TYR A 20 16.98 28.77 6.43
CA TYR A 20 15.76 29.56 6.54
C TYR A 20 16.08 31.03 6.79
N PRO A 21 15.31 31.96 6.19
CA PRO A 21 15.57 33.38 6.38
C PRO A 21 15.26 33.90 7.78
N PRO A 22 16.20 34.66 8.39
CA PRO A 22 16.04 35.21 9.74
C PRO A 22 14.91 36.21 9.91
N GLU A 23 14.62 37.01 8.88
CA GLU A 23 13.54 37.98 8.98
C GLU A 23 12.42 37.58 8.02
N ALA A 24 11.83 36.42 8.28
CA ALA A 24 10.78 35.90 7.42
C ALA A 24 9.36 36.23 7.88
N PRO A 25 8.40 36.22 6.94
CA PRO A 25 7.01 36.52 7.28
C PRO A 25 6.37 35.35 8.05
N LEU A 26 7.09 34.23 8.10
CA LEU A 26 6.63 33.04 8.82
C LEU A 26 7.83 32.37 9.45
N PRO A 27 7.66 31.78 10.64
CA PRO A 27 8.76 31.11 11.33
C PRO A 27 9.08 29.78 10.64
N PRO A 28 10.22 29.17 10.99
CA PRO A 28 10.62 27.88 10.41
C PRO A 28 9.66 26.79 10.88
N GLY A 29 9.45 25.78 10.05
CA GLY A 29 8.57 24.68 10.43
C GLY A 29 7.08 24.96 10.33
N ASP A 30 6.69 26.07 9.71
CA ASP A 30 5.28 26.40 9.56
C ASP A 30 4.70 25.67 8.33
N ASP A 31 3.44 25.94 8.03
CA ASP A 31 2.77 25.28 6.91
C ASP A 31 3.36 25.62 5.56
N ALA A 32 4.08 26.75 5.50
CA ALA A 32 4.75 27.20 4.29
C ALA A 32 5.92 28.05 4.77
N GLY A 33 6.78 28.44 3.82
CA GLY A 33 7.90 29.29 4.15
C GLY A 33 7.78 30.49 3.24
N GLY A 34 8.60 31.52 3.45
CA GLY A 34 8.50 32.67 2.60
C GLY A 34 9.46 33.79 2.95
N VAL A 35 9.42 34.84 2.13
CA VAL A 35 10.27 36.01 2.33
C VAL A 35 9.44 37.26 2.05
N TRP A 36 9.91 38.39 2.57
CA TRP A 36 9.24 39.66 2.32
C TRP A 36 9.89 40.20 1.05
N ALA A 37 9.06 40.56 0.08
CA ALA A 37 9.56 41.11 -1.18
C ALA A 37 8.64 42.25 -1.58
N GLU A 38 9.23 43.44 -1.69
CA GLU A 38 8.51 44.65 -2.07
C GLU A 38 7.14 44.79 -1.38
N GLY A 39 7.15 44.66 -0.05
CA GLY A 39 5.93 44.81 0.72
C GLY A 39 4.98 43.64 0.85
N ARG A 40 5.25 42.55 0.15
CA ARG A 40 4.37 41.38 0.23
C ARG A 40 5.14 40.17 0.73
N ALA A 41 4.41 39.28 1.41
CA ALA A 41 5.01 38.06 1.92
C ALA A 41 4.81 37.02 0.82
N TRP A 42 5.90 36.70 0.13
CA TRP A 42 5.82 35.70 -0.92
C TRP A 42 6.09 34.33 -0.32
N LEU A 43 5.09 33.47 -0.42
CA LEU A 43 5.17 32.14 0.16
C LEU A 43 5.48 31.07 -0.89
N LEU A 44 6.18 30.04 -0.43
CA LEU A 44 6.54 28.92 -1.30
C LEU A 44 6.37 27.64 -0.50
N LYS A 45 5.79 26.63 -1.13
CA LYS A 45 5.53 25.36 -0.47
C LYS A 45 5.65 24.20 -1.44
N THR A 46 6.29 23.13 -0.99
CA THR A 46 6.42 21.92 -1.79
C THR A 46 5.85 20.74 -1.00
N ASP A 47 4.98 19.96 -1.64
CA ASP A 47 4.42 18.76 -1.03
C ASP A 47 4.74 17.61 -1.97
N GLY A 48 5.15 16.49 -1.41
CA GLY A 48 5.46 15.35 -2.26
C GLY A 48 4.75 14.09 -1.79
N PHE A 49 4.76 13.06 -2.62
CA PHE A 49 4.14 11.80 -2.26
C PHE A 49 4.31 10.73 -3.31
N LEU A 50 4.17 9.48 -2.88
CA LEU A 50 4.28 8.33 -3.76
C LEU A 50 2.86 8.07 -4.24
N TYR A 51 2.69 7.89 -5.55
CA TYR A 51 1.38 7.64 -6.13
C TYR A 51 0.59 6.59 -5.34
N ARG A 52 1.21 5.44 -5.12
CA ARG A 52 0.55 4.34 -4.42
C ARG A 52 0.12 4.61 -2.97
N GLU A 53 0.59 5.72 -2.41
CA GLU A 53 0.24 6.06 -1.02
C GLU A 53 -0.92 7.04 -0.91
N VAL A 54 -1.32 7.65 -2.01
CA VAL A 54 -2.43 8.60 -1.95
C VAL A 54 -3.67 8.13 -2.72
N ALA A 55 -3.45 7.27 -3.71
CA ALA A 55 -4.53 6.77 -4.55
C ALA A 55 -5.39 5.72 -3.86
N LEU A 56 -6.54 6.14 -3.34
CA LEU A 56 -7.46 5.22 -2.68
C LEU A 56 -8.28 4.53 -3.77
N LYS A 57 -8.96 3.44 -3.42
CA LYS A 57 -9.78 2.71 -4.38
C LYS A 57 -10.75 3.66 -5.07
N GLY A 58 -10.80 3.57 -6.40
CA GLY A 58 -11.69 4.44 -7.15
C GLY A 58 -10.99 5.67 -7.68
N MET A 59 -9.83 5.99 -7.13
CA MET A 59 -9.08 7.16 -7.57
C MET A 59 -8.09 6.79 -8.67
N GLY A 60 -8.01 7.65 -9.69
CA GLY A 60 -7.08 7.43 -10.78
C GLY A 60 -6.07 8.58 -10.79
N PRO A 61 -5.16 8.64 -11.77
CA PRO A 61 -4.18 9.73 -11.81
C PRO A 61 -4.79 11.14 -11.80
N PHE A 62 -5.96 11.30 -12.38
CA PHE A 62 -6.62 12.61 -12.38
C PHE A 62 -6.84 13.10 -10.95
N GLU A 63 -7.43 12.23 -10.12
CA GLU A 63 -7.71 12.57 -8.73
C GLU A 63 -6.40 12.82 -7.97
N VAL A 64 -5.39 12.00 -8.24
CA VAL A 64 -4.10 12.16 -7.57
C VAL A 64 -3.44 13.50 -7.87
N GLY A 65 -3.44 13.89 -9.14
CA GLY A 65 -2.87 15.18 -9.51
C GLY A 65 -3.66 16.30 -8.87
N PHE A 66 -4.99 16.18 -8.92
CA PHE A 66 -5.88 17.18 -8.34
C PHE A 66 -5.59 17.33 -6.84
N ARG A 67 -5.40 16.20 -6.15
CA ARG A 67 -5.12 16.25 -4.71
C ARG A 67 -3.75 16.84 -4.39
N GLY A 68 -2.77 16.62 -5.26
CA GLY A 68 -1.45 17.17 -5.03
C GLY A 68 -1.49 18.69 -4.96
N VAL A 69 -2.19 19.29 -5.92
CA VAL A 69 -2.33 20.73 -5.98
C VAL A 69 -3.17 21.21 -4.80
N ALA A 70 -4.27 20.50 -4.52
CA ALA A 70 -5.15 20.86 -3.41
C ALA A 70 -4.39 20.88 -2.08
N ALA A 71 -3.54 19.87 -1.87
CA ALA A 71 -2.76 19.77 -0.64
C ALA A 71 -1.87 21.00 -0.46
N THR A 72 -1.08 21.30 -1.50
CA THR A 72 -0.17 22.43 -1.48
C THR A 72 -0.90 23.76 -1.33
N ALA A 73 -2.03 23.91 -2.03
CA ALA A 73 -2.79 25.14 -1.96
C ALA A 73 -3.37 25.36 -0.57
N SER A 74 -3.79 24.28 0.07
CA SER A 74 -4.36 24.37 1.43
C SER A 74 -3.35 24.90 2.43
N ASP A 75 -2.10 24.43 2.35
CA ASP A 75 -1.08 24.90 3.26
C ASP A 75 -0.84 26.39 3.03
N LEU A 76 -0.79 26.80 1.76
CA LEU A 76 -0.59 28.20 1.43
C LEU A 76 -1.76 29.08 1.90
N LEU A 77 -2.99 28.60 1.72
CA LEU A 77 -4.18 29.36 2.13
C LEU A 77 -4.30 29.50 3.65
N ALA A 78 -3.86 28.48 4.38
CA ALA A 78 -3.91 28.53 5.84
C ALA A 78 -3.00 29.67 6.34
N LYS A 79 -1.95 29.96 5.57
CA LYS A 79 -1.02 31.03 5.92
C LYS A 79 -1.49 32.39 5.37
N MET A 80 -2.72 32.40 4.86
CA MET A 80 -3.34 33.59 4.27
C MET A 80 -2.67 34.04 2.97
N GLY A 81 -2.14 33.06 2.24
CA GLY A 81 -1.52 33.36 0.97
C GLY A 81 -2.47 33.01 -0.17
N ARG A 82 -2.52 33.86 -1.18
CA ARG A 82 -3.38 33.60 -2.34
C ARG A 82 -2.54 32.84 -3.36
N PRO A 83 -2.80 31.54 -3.56
CA PRO A 83 -2.02 30.75 -4.52
C PRO A 83 -2.12 31.32 -5.92
N LEU A 84 -0.97 31.49 -6.59
CA LEU A 84 -0.96 32.04 -7.94
C LEU A 84 -0.56 31.01 -9.00
N GLY A 85 0.23 30.02 -8.61
CA GLY A 85 0.67 29.02 -9.57
C GLY A 85 1.34 27.83 -8.93
N PHE A 86 1.42 26.72 -9.67
CA PHE A 86 2.02 25.49 -9.18
C PHE A 86 2.94 24.88 -10.25
N THR A 87 3.93 24.10 -9.81
CA THR A 87 4.82 23.41 -10.75
C THR A 87 4.89 21.96 -10.32
N LEU A 88 5.06 21.05 -11.28
CA LEU A 88 5.10 19.64 -10.95
C LEU A 88 6.46 18.97 -11.18
N GLY A 89 6.84 18.12 -10.24
CA GLY A 89 8.07 17.37 -10.35
C GLY A 89 7.61 15.94 -10.48
N LEU A 90 7.85 15.31 -11.63
CA LEU A 90 7.38 13.94 -11.81
C LEU A 90 8.48 12.90 -12.03
N PHE A 91 8.38 11.77 -11.32
CA PHE A 91 9.31 10.65 -11.45
C PHE A 91 8.44 9.54 -12.03
N LEU A 92 8.72 9.17 -13.28
CA LEU A 92 7.90 8.19 -13.98
C LEU A 92 8.60 6.95 -14.55
N PRO A 93 8.01 5.76 -14.32
CA PRO A 93 8.60 4.53 -14.85
C PRO A 93 8.55 4.59 -16.37
N GLU A 94 9.56 4.01 -17.01
CA GLU A 94 9.67 4.02 -18.46
C GLU A 94 8.52 3.34 -19.20
N ASP A 95 7.91 2.34 -18.59
CA ASP A 95 6.81 1.61 -19.21
C ASP A 95 5.43 2.20 -18.92
N LEU A 96 5.40 3.35 -18.25
CA LEU A 96 4.14 4.01 -17.93
C LEU A 96 3.51 4.51 -19.24
N GLU A 97 2.17 4.49 -19.30
CA GLU A 97 1.45 4.96 -20.50
C GLU A 97 1.34 6.47 -20.46
N GLU A 98 1.54 7.13 -21.61
CA GLU A 98 1.46 8.59 -21.64
C GLU A 98 0.11 9.15 -21.21
N GLY A 99 -0.95 8.36 -21.40
CA GLY A 99 -2.28 8.80 -21.00
C GLY A 99 -2.34 8.99 -19.49
N PHE A 100 -1.62 8.14 -18.78
CA PHE A 100 -1.53 8.20 -17.32
C PHE A 100 -0.99 9.57 -16.90
N VAL A 101 0.10 10.00 -17.53
CA VAL A 101 0.72 11.28 -17.22
C VAL A 101 -0.20 12.45 -17.57
N LEU A 102 -0.86 12.36 -18.72
CA LEU A 102 -1.79 13.42 -19.14
C LEU A 102 -2.86 13.60 -18.07
N GLU A 103 -3.35 12.48 -17.53
CA GLU A 103 -4.38 12.52 -16.48
C GLU A 103 -3.84 13.21 -15.23
N LEU A 104 -2.61 12.85 -14.83
CA LEU A 104 -2.02 13.47 -13.65
C LEU A 104 -1.95 14.98 -13.81
N VAL A 105 -1.48 15.41 -14.97
CA VAL A 105 -1.34 16.84 -15.22
C VAL A 105 -2.67 17.58 -15.34
N ARG A 106 -3.65 16.99 -16.01
CA ARG A 106 -4.93 17.66 -16.14
C ARG A 106 -5.65 17.73 -14.78
N GLY A 107 -5.46 16.72 -13.95
CA GLY A 107 -6.05 16.73 -12.63
C GLY A 107 -5.50 17.91 -11.85
N ALA A 108 -4.18 18.05 -11.89
CA ALA A 108 -3.51 19.16 -11.21
C ALA A 108 -3.96 20.50 -11.79
N ALA A 109 -4.04 20.59 -13.11
CA ALA A 109 -4.46 21.84 -13.76
C ALA A 109 -5.88 22.21 -13.37
N GLU A 110 -6.74 21.20 -13.24
CA GLU A 110 -8.13 21.42 -12.86
C GLU A 110 -8.22 22.00 -11.44
N ALA A 111 -7.46 21.43 -10.51
CA ALA A 111 -7.49 21.94 -9.15
C ALA A 111 -6.98 23.39 -9.17
N ALA A 112 -5.91 23.64 -9.92
CA ALA A 112 -5.36 25.00 -10.02
C ALA A 112 -6.40 25.97 -10.56
N LYS A 113 -7.09 25.58 -11.63
CA LYS A 113 -8.10 26.44 -12.22
C LYS A 113 -9.21 26.80 -11.24
N ARG A 114 -9.63 25.84 -10.42
CA ARG A 114 -10.69 26.12 -9.45
C ARG A 114 -10.26 27.24 -8.50
N LEU A 115 -8.96 27.41 -8.33
CA LEU A 115 -8.41 28.44 -7.45
C LEU A 115 -8.04 29.72 -8.19
N GLY A 116 -8.25 29.74 -9.50
CA GLY A 116 -7.89 30.91 -10.27
C GLY A 116 -6.38 30.95 -10.46
N ALA A 117 -5.74 29.79 -10.29
CA ALA A 117 -4.29 29.68 -10.45
C ALA A 117 -3.95 28.87 -11.70
N PHE A 118 -2.65 28.66 -11.92
CA PHE A 118 -2.19 27.96 -13.11
C PHE A 118 -1.07 26.98 -12.81
N LEU A 119 -0.72 26.18 -13.82
CA LEU A 119 0.40 25.25 -13.71
C LEU A 119 1.47 26.02 -14.47
N LEU A 120 2.66 26.15 -13.90
CA LEU A 120 3.70 26.92 -14.55
C LEU A 120 4.80 26.04 -15.10
N GLY A 121 4.43 24.78 -15.34
CA GLY A 121 5.37 23.83 -15.87
C GLY A 121 5.80 22.81 -14.84
N GLY A 122 7.08 22.45 -14.91
CA GLY A 122 7.58 21.47 -13.99
C GLY A 122 8.72 20.71 -14.63
N ASP A 123 8.83 19.43 -14.28
CA ASP A 123 9.91 18.61 -14.79
C ASP A 123 9.51 17.15 -14.73
N THR A 124 10.07 16.34 -15.61
CA THR A 124 9.79 14.91 -15.62
C THR A 124 11.13 14.17 -15.62
N ASN A 125 11.18 13.06 -14.91
CA ASN A 125 12.38 12.26 -14.81
C ASN A 125 12.01 10.80 -14.68
N ARG A 126 12.89 9.92 -15.17
CA ARG A 126 12.67 8.50 -15.06
C ARG A 126 12.70 8.17 -13.58
N GLY A 127 11.91 7.19 -13.16
CA GLY A 127 11.88 6.78 -11.77
C GLY A 127 11.45 5.33 -11.68
N VAL A 128 11.68 4.71 -10.52
CA VAL A 128 11.31 3.31 -10.32
C VAL A 128 9.83 3.18 -10.00
N GLU A 129 9.28 4.17 -9.34
CA GLU A 129 7.87 4.18 -8.96
C GLU A 129 7.32 5.58 -9.24
N VAL A 130 6.01 5.67 -9.46
CA VAL A 130 5.40 6.95 -9.74
C VAL A 130 5.47 7.79 -8.48
N ALA A 131 6.16 8.91 -8.56
CA ALA A 131 6.31 9.80 -7.42
C ALA A 131 6.10 11.22 -7.92
N LEU A 132 5.54 12.08 -7.08
CA LEU A 132 5.25 13.44 -7.48
C LEU A 132 5.44 14.50 -6.40
N THR A 133 5.89 15.68 -6.82
CA THR A 133 6.01 16.80 -5.89
C THR A 133 5.23 17.94 -6.53
N VAL A 134 4.47 18.66 -5.72
CA VAL A 134 3.72 19.79 -6.22
C VAL A 134 4.19 21.00 -5.42
N SER A 135 4.69 22.00 -6.12
CA SER A 135 5.14 23.21 -5.45
C SER A 135 4.24 24.34 -5.87
N GLY A 136 4.06 25.31 -5.01
CA GLY A 136 3.22 26.43 -5.36
C GLY A 136 3.68 27.67 -4.62
N TYR A 137 3.42 28.82 -5.22
CA TYR A 137 3.75 30.07 -4.58
C TYR A 137 2.48 30.89 -4.40
N ALA A 138 2.51 31.77 -3.40
CA ALA A 138 1.33 32.57 -3.10
C ALA A 138 1.72 33.94 -2.59
N LEU A 139 0.85 34.90 -2.83
CA LEU A 139 1.06 36.27 -2.40
C LEU A 139 0.22 36.48 -1.13
N ALA A 140 0.89 36.75 -0.01
CA ALA A 140 0.19 36.97 1.24
C ALA A 140 0.29 38.44 1.65
N GLU A 141 -0.85 39.08 1.86
CA GLU A 141 -0.88 40.47 2.29
C GLU A 141 -0.59 40.51 3.79
N ALA A 142 -1.12 39.52 4.51
CA ALA A 142 -0.92 39.43 5.95
C ALA A 142 -0.63 37.98 6.33
N PRO A 143 0.63 37.55 6.16
CA PRO A 143 0.99 36.17 6.50
C PRO A 143 0.54 35.77 7.91
N LEU A 144 -0.09 34.60 8.00
CA LEU A 144 -0.58 34.09 9.28
C LEU A 144 0.26 32.94 9.80
N PRO A 145 1.10 33.21 10.81
CA PRO A 145 1.95 32.15 11.36
C PRO A 145 1.22 31.27 12.37
N ARG A 146 1.91 30.23 12.81
CA ARG A 146 1.39 29.33 13.83
C ARG A 146 1.70 30.08 15.12
N LYS A 147 0.68 30.67 15.74
CA LYS A 147 0.89 31.45 16.95
C LYS A 147 -0.39 31.38 17.77
N ALA A 148 -0.27 31.51 19.10
CA ALA A 148 -1.45 31.46 19.96
C ALA A 148 -1.19 32.01 21.36
N LEU A 149 -2.21 32.65 21.92
CA LEU A 149 -2.11 33.23 23.26
C LEU A 149 -3.27 32.78 24.14
N PRO A 150 -3.01 32.47 25.42
CA PRO A 150 -4.10 32.04 26.30
C PRO A 150 -5.25 33.03 26.20
N GLY A 151 -6.47 32.52 25.98
CA GLY A 151 -7.61 33.40 25.86
C GLY A 151 -8.21 33.35 24.47
N ASP A 152 -7.39 33.12 23.45
CA ASP A 152 -7.90 33.05 22.08
C ASP A 152 -8.81 31.85 21.91
N LEU A 153 -9.76 31.94 20.98
CA LEU A 153 -10.66 30.82 20.73
C LEU A 153 -10.13 29.97 19.58
N LEU A 154 -10.52 28.70 19.57
CA LEU A 154 -10.08 27.78 18.52
C LEU A 154 -11.26 27.44 17.62
N TYR A 155 -11.09 27.65 16.32
CA TYR A 155 -12.11 27.38 15.32
C TYR A 155 -11.63 26.42 14.26
N LEU A 156 -12.57 25.64 13.71
CA LEU A 156 -12.26 24.71 12.64
C LEU A 156 -12.95 25.22 11.38
N ALA A 157 -12.17 25.44 10.31
CA ALA A 157 -12.73 25.94 9.08
C ALA A 157 -12.91 24.80 8.08
N GLY A 158 -13.92 24.92 7.21
CA GLY A 158 -14.16 23.89 6.22
C GLY A 158 -15.02 22.75 6.75
N ASP A 159 -15.30 21.77 5.91
CA ASP A 159 -16.14 20.66 6.32
C ASP A 159 -15.62 19.26 5.97
N ARG A 160 -14.31 19.11 5.87
CA ARG A 160 -13.77 17.78 5.57
C ARG A 160 -13.43 17.01 6.86
N TRP A 161 -13.67 17.64 8.00
CA TRP A 161 -13.39 17.01 9.29
C TRP A 161 -14.15 15.70 9.44
N GLY A 162 -13.43 14.62 9.68
CA GLY A 162 -14.06 13.31 9.83
C GLY A 162 -14.29 12.59 8.52
N ARG A 163 -14.48 13.35 7.45
CA ARG A 163 -14.74 12.74 6.15
C ARG A 163 -13.53 12.11 5.49
N THR A 164 -12.39 12.80 5.51
CA THR A 164 -11.20 12.23 4.90
C THR A 164 -10.73 11.02 5.71
N GLY A 165 -10.98 11.04 7.01
CA GLY A 165 -10.61 9.91 7.84
C GLY A 165 -11.47 8.70 7.49
N ALA A 166 -12.74 8.94 7.25
CA ALA A 166 -13.69 7.88 6.87
C ALA A 166 -13.23 7.24 5.56
N ALA A 167 -12.93 8.08 4.57
CA ALA A 167 -12.49 7.60 3.26
C ALA A 167 -11.24 6.73 3.34
N ILE A 168 -10.30 7.06 4.21
CA ILE A 168 -9.09 6.26 4.35
C ILE A 168 -9.42 4.95 5.08
N ARG A 169 -10.22 5.04 6.14
CA ARG A 169 -10.61 3.85 6.87
C ARG A 169 -11.38 2.89 5.97
N ALA A 170 -12.24 3.44 5.12
CA ALA A 170 -13.02 2.62 4.20
C ALA A 170 -12.07 1.89 3.27
N HIS A 171 -11.06 2.63 2.81
CA HIS A 171 -10.06 2.08 1.91
C HIS A 171 -9.28 0.94 2.55
N TYR A 172 -8.95 1.10 3.83
CA TYR A 172 -8.19 0.08 4.54
C TYR A 172 -9.03 -1.14 4.90
N GLU A 173 -10.29 -0.93 5.28
CA GLU A 173 -11.19 -2.01 5.65
C GLU A 173 -11.81 -2.73 4.46
N GLY A 174 -11.68 -2.13 3.28
CA GLY A 174 -12.27 -2.73 2.09
C GLY A 174 -13.76 -2.46 2.03
N ARG A 175 -14.18 -1.35 2.63
CA ARG A 175 -15.60 -0.99 2.65
C ARG A 175 -15.94 0.01 1.55
N SER A 176 -17.15 -0.12 1.01
CA SER A 176 -17.61 0.76 -0.06
C SER A 176 -18.04 2.13 0.45
N LEU A 177 -17.91 3.16 -0.38
CA LEU A 177 -18.37 4.48 0.02
C LEU A 177 -19.70 4.78 -0.69
N GLU A 178 -20.32 3.74 -1.25
CA GLU A 178 -21.61 3.94 -1.91
C GLU A 178 -22.58 4.35 -0.82
N GLY A 179 -23.16 5.54 -0.97
CA GLY A 179 -24.08 6.03 0.03
C GLY A 179 -23.45 7.16 0.82
N PHE A 180 -22.17 7.43 0.57
CA PHE A 180 -21.45 8.50 1.27
C PHE A 180 -20.71 9.41 0.28
N PRO A 181 -21.45 10.13 -0.59
CA PRO A 181 -20.86 11.03 -1.59
C PRO A 181 -20.00 12.18 -1.10
N LYS A 182 -20.37 12.77 0.04
CA LYS A 182 -19.57 13.89 0.57
C LYS A 182 -18.24 13.39 1.11
N ILE A 183 -18.23 12.16 1.63
CA ILE A 183 -17.00 11.57 2.14
C ILE A 183 -16.12 11.25 0.94
N ARG A 184 -16.74 10.73 -0.12
CA ARG A 184 -15.99 10.40 -1.32
C ARG A 184 -15.39 11.65 -1.96
N GLU A 185 -16.16 12.74 -2.00
CA GLU A 185 -15.66 13.98 -2.56
C GLU A 185 -14.50 14.53 -1.75
N ALA A 186 -14.60 14.40 -0.43
CA ALA A 186 -13.57 14.87 0.50
C ALA A 186 -12.23 14.19 0.19
N ALA A 187 -12.27 12.95 -0.27
CA ALA A 187 -11.05 12.22 -0.59
C ALA A 187 -10.59 12.40 -2.04
N PHE A 188 -11.54 12.42 -2.97
CA PHE A 188 -11.23 12.56 -4.40
C PHE A 188 -10.93 13.97 -4.87
N TYR A 189 -11.74 14.93 -4.42
CA TYR A 189 -11.58 16.31 -4.82
C TYR A 189 -11.61 17.28 -3.67
N PRO A 190 -10.68 17.14 -2.72
CA PRO A 190 -10.67 18.07 -1.58
C PRO A 190 -10.38 19.50 -2.07
N LEU A 191 -11.43 20.29 -2.26
CA LEU A 191 -11.30 21.66 -2.72
C LEU A 191 -10.77 22.63 -1.68
N PRO A 192 -9.58 23.20 -1.90
CA PRO A 192 -9.05 24.16 -0.93
C PRO A 192 -9.95 25.40 -0.95
N ARG A 193 -10.22 25.99 0.21
CA ARG A 193 -11.11 27.14 0.30
C ARG A 193 -10.51 28.54 0.16
N LEU A 194 -10.78 29.19 -0.97
CA LEU A 194 -10.29 30.54 -1.17
C LEU A 194 -10.90 31.47 -0.13
N GLU A 195 -12.10 31.11 0.33
CA GLU A 195 -12.83 31.91 1.31
C GLU A 195 -12.02 32.14 2.59
N LEU A 196 -11.07 31.25 2.86
CA LEU A 196 -10.21 31.41 4.04
C LEU A 196 -9.62 32.81 4.00
N LEU A 197 -9.33 33.29 2.80
CA LEU A 197 -8.74 34.62 2.65
C LEU A 197 -9.66 35.76 3.10
N ALA A 198 -10.92 35.46 3.36
CA ALA A 198 -11.86 36.48 3.83
C ALA A 198 -11.47 36.92 5.24
N LEU A 199 -10.72 36.05 5.93
CA LEU A 199 -10.30 36.34 7.29
C LEU A 199 -8.89 36.88 7.38
N SER A 200 -8.31 37.26 6.25
CA SER A 200 -6.95 37.79 6.25
C SER A 200 -6.82 39.01 7.16
N GLY A 201 -5.80 38.99 8.03
CA GLY A 201 -5.56 40.10 8.92
C GLY A 201 -6.37 40.12 10.21
N LEU A 202 -7.30 39.18 10.37
CA LEU A 202 -8.14 39.15 11.56
C LEU A 202 -7.78 38.10 12.60
N LEU A 203 -6.98 37.11 12.21
CA LEU A 203 -6.62 36.02 13.11
C LEU A 203 -5.26 36.15 13.78
N ARG A 204 -5.10 35.41 14.89
CA ARG A 204 -3.85 35.40 15.63
C ARG A 204 -2.87 34.41 15.00
N GLY A 205 -3.40 33.26 14.58
CA GLY A 205 -2.56 32.25 13.98
C GLY A 205 -3.37 31.12 13.36
N SER A 206 -2.68 30.15 12.79
CA SER A 206 -3.36 29.01 12.18
C SER A 206 -2.41 27.86 11.97
N LEU A 207 -2.99 26.68 11.76
CA LEU A 207 -2.25 25.46 11.48
C LEU A 207 -3.11 24.67 10.48
N ASP A 208 -2.51 24.17 9.41
CA ASP A 208 -3.26 23.38 8.44
C ASP A 208 -3.18 21.94 8.92
N SER A 209 -4.33 21.27 8.99
CA SER A 209 -4.38 19.89 9.44
C SER A 209 -4.31 18.87 8.32
N SER A 210 -3.13 18.30 8.10
CA SER A 210 -2.96 17.30 7.07
C SER A 210 -2.60 15.93 7.62
N ASP A 211 -2.23 15.88 8.89
CA ASP A 211 -1.84 14.62 9.52
C ASP A 211 -2.74 14.26 10.70
N GLY A 212 -3.95 14.77 10.68
CA GLY A 212 -4.87 14.47 11.77
C GLY A 212 -5.08 15.68 12.66
N LEU A 213 -6.31 15.88 13.10
CA LEU A 213 -6.64 17.01 13.96
C LEU A 213 -5.95 16.94 15.33
N ALA A 214 -5.93 15.75 15.94
CA ALA A 214 -5.29 15.59 17.24
C ALA A 214 -3.83 16.00 17.13
N GLU A 215 -3.16 15.48 16.11
CA GLU A 215 -1.76 15.78 15.87
C GLU A 215 -1.58 17.29 15.69
N THR A 216 -2.52 17.92 15.01
CA THR A 216 -2.45 19.36 14.78
C THR A 216 -2.65 20.14 16.09
N LEU A 217 -3.61 19.71 16.91
CA LEU A 217 -3.87 20.39 18.17
C LEU A 217 -2.63 20.32 19.06
N TRP A 218 -1.89 19.22 18.99
CA TRP A 218 -0.68 19.08 19.78
C TRP A 218 0.44 19.96 19.24
N GLN A 219 0.45 20.17 17.92
CA GLN A 219 1.45 21.04 17.31
C GLN A 219 1.17 22.45 17.84
N LEU A 220 -0.11 22.74 18.06
CA LEU A 220 -0.50 24.04 18.58
C LEU A 220 -0.03 24.09 20.03
N ALA A 221 -0.40 23.08 20.82
CA ALA A 221 -0.01 23.00 22.23
C ALA A 221 1.51 23.14 22.39
N ASP A 222 2.26 22.46 21.53
CA ASP A 222 3.73 22.53 21.58
C ASP A 222 4.27 23.96 21.41
N LEU A 223 3.41 24.89 21.00
CA LEU A 223 3.85 26.28 20.85
C LEU A 223 4.04 26.87 22.25
N GLY A 224 3.50 26.19 23.26
CA GLY A 224 3.65 26.65 24.63
C GLY A 224 2.36 27.04 25.30
N VAL A 225 1.27 26.33 24.98
CA VAL A 225 -0.02 26.63 25.57
C VAL A 225 -0.84 25.36 25.80
N GLY A 226 -2.02 25.53 26.39
CA GLY A 226 -2.89 24.40 26.62
C GLY A 226 -4.03 24.54 25.61
N VAL A 227 -4.63 23.41 25.25
CA VAL A 227 -5.72 23.39 24.29
C VAL A 227 -6.91 22.68 24.90
N GLU A 228 -8.06 23.34 24.94
CA GLU A 228 -9.26 22.73 25.49
C GLU A 228 -10.35 22.70 24.44
N VAL A 229 -10.64 21.50 23.96
CA VAL A 229 -11.67 21.31 22.96
C VAL A 229 -12.97 21.01 23.70
N GLU A 230 -13.98 21.84 23.46
CA GLU A 230 -15.27 21.67 24.09
C GLU A 230 -16.22 20.93 23.16
N ALA A 231 -16.03 21.11 21.85
CA ALA A 231 -16.89 20.46 20.88
C ALA A 231 -16.18 20.18 19.56
N LEU A 232 -16.63 19.14 18.87
CA LEU A 232 -16.06 18.77 17.57
C LEU A 232 -17.21 18.49 16.61
N PRO A 233 -17.00 18.78 15.31
CA PRO A 233 -18.08 18.53 14.35
C PRO A 233 -18.20 17.05 14.02
N LEU A 234 -19.42 16.54 14.12
CA LEU A 234 -19.69 15.14 13.78
C LEU A 234 -20.80 15.20 12.74
N TYR A 235 -20.42 15.23 11.47
CA TYR A 235 -21.38 15.33 10.40
C TYR A 235 -22.26 14.09 10.35
N PRO A 236 -23.53 14.26 9.97
CA PRO A 236 -24.46 13.13 9.90
C PRO A 236 -23.95 11.95 9.10
N ASP A 237 -23.23 12.22 8.00
CA ASP A 237 -22.71 11.14 7.18
C ASP A 237 -21.52 10.46 7.84
N VAL A 238 -20.76 11.21 8.63
CA VAL A 238 -19.61 10.65 9.32
C VAL A 238 -20.11 9.72 10.43
N LEU A 239 -21.17 10.12 11.11
CA LEU A 239 -21.75 9.29 12.17
C LEU A 239 -22.31 8.01 11.57
N ALA A 240 -23.09 8.15 10.51
CA ALA A 240 -23.69 6.99 9.85
C ALA A 240 -22.58 6.01 9.47
N PHE A 241 -21.54 6.51 8.81
CA PHE A 241 -20.43 5.67 8.41
C PHE A 241 -19.75 4.98 9.59
N ALA A 242 -19.44 5.75 10.63
CA ALA A 242 -18.76 5.25 11.82
C ALA A 242 -19.53 4.23 12.65
N GLY A 243 -20.83 4.44 12.81
CA GLY A 243 -21.63 3.52 13.59
C GLY A 243 -21.95 4.04 14.99
N SER A 244 -21.15 4.97 15.48
CA SER A 244 -21.36 5.54 16.81
C SER A 244 -20.65 6.89 16.95
N GLU A 245 -21.02 7.63 18.00
CA GLU A 245 -20.42 8.93 18.24
C GLU A 245 -18.93 8.77 18.58
N GLU A 246 -18.62 7.72 19.34
CA GLU A 246 -17.24 7.46 19.73
C GLU A 246 -16.39 7.06 18.52
N ALA A 247 -16.96 6.26 17.62
CA ALA A 247 -16.23 5.84 16.44
C ALA A 247 -16.04 7.02 15.49
N ALA A 248 -17.02 7.91 15.43
CA ALA A 248 -16.92 9.08 14.58
C ALA A 248 -15.83 10.01 15.11
N LEU A 249 -15.72 10.08 16.43
CA LEU A 249 -14.72 10.93 17.08
C LEU A 249 -13.29 10.53 16.68
N GLU A 250 -13.02 9.23 16.61
CA GLU A 250 -11.69 8.78 16.23
C GLU A 250 -11.35 9.16 14.78
N LEU A 251 -12.35 9.11 13.92
CA LEU A 251 -12.15 9.48 12.52
C LEU A 251 -11.84 10.97 12.42
N VAL A 252 -12.53 11.76 13.24
CA VAL A 252 -12.33 13.22 13.26
C VAL A 252 -10.98 13.61 13.85
N LEU A 253 -10.57 12.91 14.89
CA LEU A 253 -9.31 13.20 15.58
C LEU A 253 -8.09 12.51 15.00
N TYR A 254 -8.26 11.27 14.56
CA TYR A 254 -7.13 10.54 14.02
C TYR A 254 -7.36 10.11 12.58
N GLY A 255 -7.95 11.00 11.78
CA GLY A 255 -8.20 10.68 10.38
C GLY A 255 -6.98 11.03 9.55
N GLY A 256 -6.89 12.28 9.12
CA GLY A 256 -5.76 12.69 8.33
C GLY A 256 -6.13 13.15 6.93
N GLU A 257 -5.25 13.94 6.32
CA GLU A 257 -5.43 14.46 4.98
C GLU A 257 -6.66 15.36 4.86
N GLU A 258 -7.06 16.01 5.96
CA GLU A 258 -8.22 16.90 5.89
C GLU A 258 -7.88 18.16 5.11
N PHE A 259 -6.67 18.65 5.31
CA PHE A 259 -6.20 19.87 4.67
C PHE A 259 -7.20 21.00 4.87
N GLU A 260 -7.66 21.10 6.11
CA GLU A 260 -8.60 22.14 6.55
C GLU A 260 -7.81 22.83 7.65
N ALA A 261 -8.11 24.11 7.90
CA ALA A 261 -7.38 24.87 8.89
C ALA A 261 -7.98 24.98 10.29
N VAL A 262 -7.09 24.99 11.28
CA VAL A 262 -7.45 25.18 12.67
C VAL A 262 -7.09 26.65 12.85
N LEU A 263 -8.07 27.47 13.22
CA LEU A 263 -7.84 28.90 13.38
C LEU A 263 -7.83 29.38 14.84
N VAL A 264 -6.85 30.22 15.15
CA VAL A 264 -6.70 30.79 16.49
C VAL A 264 -7.29 32.19 16.41
N VAL A 265 -8.45 32.36 17.03
CA VAL A 265 -9.17 33.62 16.99
C VAL A 265 -9.17 34.43 18.29
N PRO A 266 -8.57 35.62 18.26
CA PRO A 266 -8.53 36.44 19.48
C PRO A 266 -9.97 36.73 19.90
N GLN A 267 -10.24 36.63 21.20
CA GLN A 267 -11.59 36.86 21.71
C GLN A 267 -12.20 38.17 21.22
N GLU A 268 -11.37 39.20 21.13
CA GLU A 268 -11.82 40.50 20.69
C GLU A 268 -12.68 40.42 19.42
N GLY A 269 -12.09 39.95 18.33
CA GLY A 269 -12.82 39.86 17.07
C GLY A 269 -13.53 38.57 16.70
N ALA A 270 -13.79 37.71 17.68
CA ALA A 270 -14.46 36.44 17.40
C ALA A 270 -15.85 36.66 16.79
N ALA A 271 -16.52 37.74 17.19
CA ALA A 271 -17.85 38.01 16.67
C ALA A 271 -17.76 38.42 15.20
N ALA A 272 -16.78 39.25 14.89
CA ALA A 272 -16.57 39.72 13.54
C ALA A 272 -16.19 38.57 12.63
N VAL A 273 -15.19 37.80 13.04
CA VAL A 273 -14.73 36.65 12.26
C VAL A 273 -15.87 35.73 11.88
N GLU A 274 -16.77 35.45 12.82
CA GLU A 274 -17.90 34.58 12.53
C GLU A 274 -18.77 35.25 11.49
N ALA A 275 -18.95 36.56 11.62
CA ALA A 275 -19.76 37.31 10.69
C ALA A 275 -19.10 37.30 9.32
N ARG A 276 -17.81 37.63 9.31
CA ARG A 276 -17.02 37.65 8.08
C ARG A 276 -17.15 36.30 7.36
N ALA A 277 -16.74 35.22 8.03
CA ALA A 277 -16.81 33.89 7.42
C ALA A 277 -18.24 33.61 6.91
N LYS A 278 -19.22 33.95 7.74
CA LYS A 278 -20.62 33.77 7.41
C LYS A 278 -20.95 34.52 6.13
N ALA A 279 -20.53 35.78 6.06
CA ALA A 279 -20.79 36.61 4.90
C ALA A 279 -20.11 36.10 3.63
N LYS A 280 -18.95 35.46 3.77
CA LYS A 280 -18.21 34.97 2.62
C LYS A 280 -18.36 33.48 2.32
N GLY A 281 -19.32 32.83 2.97
CA GLY A 281 -19.55 31.42 2.72
C GLY A 281 -18.46 30.46 3.18
N LEU A 282 -17.77 30.82 4.26
CA LEU A 282 -16.72 29.98 4.79
C LEU A 282 -17.24 29.18 5.99
N PRO A 283 -17.32 27.84 5.87
CA PRO A 283 -17.80 27.05 6.99
C PRO A 283 -16.91 27.28 8.20
N LEU A 284 -17.50 27.54 9.35
CA LEU A 284 -16.75 27.80 10.56
C LEU A 284 -17.38 27.09 11.75
N PHE A 285 -16.54 26.48 12.59
CA PHE A 285 -17.01 25.75 13.76
C PHE A 285 -16.18 26.11 14.98
N ARG A 286 -16.83 26.61 16.02
CA ARG A 286 -16.12 26.97 17.25
C ARG A 286 -15.86 25.67 18.01
N ALA A 287 -14.59 25.31 18.15
CA ALA A 287 -14.21 24.07 18.82
C ALA A 287 -13.82 24.21 20.28
N GLY A 288 -13.06 25.25 20.61
CA GLY A 288 -12.65 25.43 21.98
C GLY A 288 -11.87 26.71 22.19
N ARG A 289 -10.76 26.63 22.91
CA ARG A 289 -9.95 27.80 23.17
C ARG A 289 -8.56 27.46 23.68
N VAL A 290 -7.70 28.48 23.69
CA VAL A 290 -6.32 28.35 24.14
C VAL A 290 -6.23 28.81 25.59
N VAL A 291 -5.43 28.11 26.39
CA VAL A 291 -5.28 28.45 27.79
C VAL A 291 -3.83 28.36 28.21
N ALA A 292 -3.51 28.92 29.37
CA ALA A 292 -2.14 28.88 29.87
C ALA A 292 -1.78 27.46 30.30
N GLY A 293 -0.49 27.13 30.28
CA GLY A 293 -0.07 25.80 30.69
C GLY A 293 0.32 24.88 29.54
N GLU A 294 -0.10 23.62 29.62
CA GLU A 294 0.21 22.66 28.57
C GLU A 294 -0.84 21.56 28.44
N GLY A 295 -0.65 20.69 27.45
CA GLY A 295 -1.58 19.61 27.23
C GLY A 295 -2.75 19.95 26.33
N VAL A 296 -3.44 18.91 25.86
CA VAL A 296 -4.62 19.06 25.01
C VAL A 296 -5.73 18.26 25.68
N TYR A 297 -6.91 18.86 25.80
CA TYR A 297 -8.02 18.20 26.46
C TYR A 297 -9.29 18.20 25.63
N LEU A 298 -10.05 17.11 25.75
CA LEU A 298 -11.32 16.95 25.08
C LEU A 298 -12.37 16.90 26.20
N ARG A 299 -13.04 18.03 26.42
CA ARG A 299 -14.05 18.16 27.47
C ARG A 299 -13.49 17.72 28.81
N GLY A 300 -12.33 18.26 29.16
CA GLY A 300 -11.70 17.94 30.42
C GLY A 300 -10.82 16.71 30.43
N ALA A 301 -11.13 15.73 29.59
CA ALA A 301 -10.34 14.51 29.51
C ALA A 301 -9.13 14.70 28.61
N PRO A 302 -8.01 14.02 28.93
CA PRO A 302 -6.80 14.14 28.11
C PRO A 302 -7.02 13.60 26.69
N LEU A 303 -6.59 14.38 25.70
CA LEU A 303 -6.72 13.98 24.30
C LEU A 303 -5.36 13.45 23.86
N PRO A 304 -5.23 12.12 23.70
CA PRO A 304 -3.99 11.46 23.29
C PRO A 304 -3.46 11.86 21.93
N ARG A 305 -2.14 11.99 21.84
CA ARG A 305 -1.50 12.32 20.58
C ARG A 305 -1.05 10.98 20.01
N MET B 1 -32.62 -8.59 5.39
CA MET B 1 -33.03 -9.70 4.49
C MET B 1 -32.31 -11.01 4.78
N ARG B 2 -33.06 -12.09 4.74
CA ARG B 2 -32.51 -13.42 5.00
C ARG B 2 -31.62 -13.83 3.82
N LEU B 3 -30.59 -14.61 4.10
CA LEU B 3 -29.67 -15.06 3.07
C LEU B 3 -30.39 -15.70 1.88
N LYS B 4 -31.39 -16.52 2.18
CA LYS B 4 -32.16 -17.22 1.16
C LYS B 4 -32.84 -16.26 0.18
N ASP B 5 -33.14 -15.05 0.62
CA ASP B 5 -33.80 -14.07 -0.25
C ASP B 5 -32.84 -13.15 -1.01
N LEU B 6 -31.61 -13.05 -0.53
CA LEU B 6 -30.63 -12.18 -1.18
C LEU B 6 -29.85 -12.90 -2.27
N GLY B 7 -29.55 -14.18 -2.04
CA GLY B 7 -28.80 -14.94 -3.01
C GLY B 7 -27.32 -14.91 -2.65
N GLU B 8 -26.58 -15.90 -3.12
CA GLU B 8 -25.16 -15.96 -2.80
C GLU B 8 -24.33 -14.98 -3.62
N ARG B 9 -24.77 -14.70 -4.83
CA ARG B 9 -24.07 -13.76 -5.71
C ARG B 9 -24.01 -12.38 -5.07
N ALA B 10 -25.12 -11.98 -4.47
CA ALA B 10 -25.20 -10.69 -3.82
C ALA B 10 -24.36 -10.69 -2.54
N LEU B 11 -24.45 -11.79 -1.80
CA LEU B 11 -23.71 -11.92 -0.55
C LEU B 11 -22.20 -11.82 -0.76
N LEU B 12 -21.66 -12.73 -1.57
CA LEU B 12 -20.23 -12.76 -1.83
C LEU B 12 -19.68 -11.42 -2.31
N ALA B 13 -20.40 -10.75 -3.21
CA ALA B 13 -19.96 -9.46 -3.72
C ALA B 13 -19.81 -8.48 -2.54
N ARG B 14 -20.81 -8.49 -1.67
CA ARG B 14 -20.85 -7.64 -0.49
C ARG B 14 -19.68 -7.93 0.46
N LEU B 15 -19.35 -9.21 0.60
CA LEU B 15 -18.27 -9.63 1.51
C LEU B 15 -16.86 -9.65 0.92
N ALA B 16 -16.75 -9.97 -0.36
CA ALA B 16 -15.47 -10.09 -1.04
C ALA B 16 -14.33 -9.10 -0.73
N PRO B 17 -14.61 -7.79 -0.75
CA PRO B 17 -13.55 -6.83 -0.46
C PRO B 17 -13.16 -6.61 1.01
N LEU B 18 -14.05 -6.96 1.93
CA LEU B 18 -13.79 -6.78 3.37
C LEU B 18 -12.50 -7.40 3.88
N GLY B 19 -11.58 -6.53 4.29
CA GLY B 19 -10.30 -6.99 4.81
C GLY B 19 -9.37 -7.53 3.74
N TYR B 20 -9.77 -7.45 2.48
CA TYR B 20 -8.92 -7.96 1.40
C TYR B 20 -7.77 -6.96 1.16
N PRO B 21 -6.56 -7.47 0.85
CA PRO B 21 -5.42 -6.57 0.60
C PRO B 21 -5.58 -5.67 -0.62
N PRO B 22 -5.56 -4.35 -0.43
CA PRO B 22 -5.70 -3.34 -1.49
C PRO B 22 -4.76 -3.61 -2.67
N GLU B 23 -3.54 -4.04 -2.35
CA GLU B 23 -2.56 -4.36 -3.36
C GLU B 23 -2.22 -5.85 -3.19
N ALA B 24 -2.66 -6.67 -4.14
CA ALA B 24 -2.43 -8.11 -4.05
C ALA B 24 -2.21 -8.78 -5.41
N PRO B 25 -1.67 -10.01 -5.41
CA PRO B 25 -1.41 -10.76 -6.64
C PRO B 25 -2.71 -11.18 -7.35
N LEU B 26 -3.84 -11.01 -6.67
CA LEU B 26 -5.15 -11.33 -7.23
C LEU B 26 -6.18 -10.37 -6.67
N PRO B 27 -7.14 -9.95 -7.50
CA PRO B 27 -8.18 -9.04 -7.01
C PRO B 27 -9.11 -9.83 -6.10
N PRO B 28 -9.98 -9.14 -5.36
CA PRO B 28 -10.90 -9.84 -4.46
C PRO B 28 -11.97 -10.57 -5.28
N GLY B 29 -12.61 -11.55 -4.65
CA GLY B 29 -13.66 -12.30 -5.34
C GLY B 29 -13.18 -13.21 -6.44
N ASP B 30 -11.88 -13.50 -6.47
CA ASP B 30 -11.32 -14.39 -7.49
C ASP B 30 -11.42 -15.84 -6.98
N ASP B 31 -10.90 -16.80 -7.74
CA ASP B 31 -10.98 -18.20 -7.35
C ASP B 31 -10.21 -18.49 -6.06
N ALA B 32 -9.31 -17.58 -5.72
CA ALA B 32 -8.52 -17.69 -4.50
C ALA B 32 -8.05 -16.28 -4.17
N GLY B 33 -7.39 -16.15 -3.02
CA GLY B 33 -6.89 -14.86 -2.62
C GLY B 33 -5.40 -14.99 -2.42
N GLY B 34 -4.72 -13.85 -2.28
CA GLY B 34 -3.29 -13.92 -2.09
C GLY B 34 -2.71 -12.60 -1.65
N VAL B 35 -1.43 -12.65 -1.27
CA VAL B 35 -0.68 -11.49 -0.84
C VAL B 35 0.72 -11.65 -1.41
N TRP B 36 1.48 -10.57 -1.42
CA TRP B 36 2.86 -10.65 -1.91
C TRP B 36 3.73 -10.90 -0.68
N ALA B 37 4.58 -11.92 -0.76
CA ALA B 37 5.45 -12.24 0.36
C ALA B 37 6.86 -12.59 -0.11
N GLU B 38 7.84 -11.87 0.42
CA GLU B 38 9.24 -12.09 0.05
C GLU B 38 9.39 -12.25 -1.45
N GLY B 39 8.97 -11.22 -2.18
CA GLY B 39 9.06 -11.25 -3.63
C GLY B 39 8.41 -12.48 -4.23
N ARG B 40 7.17 -12.73 -3.82
CA ARG B 40 6.43 -13.89 -4.31
C ARG B 40 4.93 -13.71 -4.04
N ALA B 41 4.11 -14.42 -4.81
CA ALA B 41 2.66 -14.35 -4.63
C ALA B 41 2.22 -15.64 -3.94
N TRP B 42 1.72 -15.49 -2.72
CA TRP B 42 1.25 -16.66 -1.97
C TRP B 42 -0.27 -16.68 -1.88
N LEU B 43 -0.85 -17.70 -2.50
CA LEU B 43 -2.30 -17.85 -2.54
C LEU B 43 -2.83 -18.71 -1.40
N LEU B 44 -4.01 -18.37 -0.92
CA LEU B 44 -4.67 -19.08 0.17
C LEU B 44 -6.13 -19.28 -0.23
N LYS B 45 -6.65 -20.47 -0.02
CA LYS B 45 -8.04 -20.75 -0.39
C LYS B 45 -8.73 -21.75 0.52
N THR B 46 -10.00 -21.48 0.83
CA THR B 46 -10.78 -22.38 1.68
C THR B 46 -12.10 -22.73 0.99
N ASP B 47 -12.41 -24.03 0.99
CA ASP B 47 -13.66 -24.54 0.41
C ASP B 47 -14.28 -25.46 1.46
N GLY B 48 -15.53 -25.23 1.81
CA GLY B 48 -16.17 -26.07 2.79
C GLY B 48 -17.37 -26.78 2.20
N PHE B 49 -17.93 -27.73 2.94
CA PHE B 49 -19.10 -28.45 2.45
C PHE B 49 -19.67 -29.45 3.43
N LEU B 50 -20.99 -29.65 3.33
CA LEU B 50 -21.70 -30.60 4.18
C LEU B 50 -21.58 -31.98 3.53
N TYR B 51 -21.11 -32.95 4.31
CA TYR B 51 -20.95 -34.31 3.85
C TYR B 51 -22.18 -34.77 3.07
N ARG B 52 -23.37 -34.49 3.61
CA ARG B 52 -24.63 -34.89 2.99
C ARG B 52 -24.85 -34.37 1.57
N GLU B 53 -24.30 -33.21 1.26
CA GLU B 53 -24.49 -32.64 -0.07
C GLU B 53 -23.48 -33.12 -1.09
N VAL B 54 -22.35 -33.64 -0.63
CA VAL B 54 -21.32 -34.12 -1.53
C VAL B 54 -21.32 -35.63 -1.72
N ALA B 55 -21.80 -36.36 -0.72
CA ALA B 55 -21.82 -37.82 -0.78
C ALA B 55 -22.93 -38.37 -1.66
N LEU B 56 -22.55 -38.84 -2.85
CA LEU B 56 -23.48 -39.43 -3.81
C LEU B 56 -23.47 -40.93 -3.57
N LYS B 57 -24.50 -41.61 -4.06
CA LYS B 57 -24.61 -43.05 -3.89
C LYS B 57 -23.28 -43.74 -4.18
N GLY B 58 -22.82 -44.55 -3.23
CA GLY B 58 -21.57 -45.27 -3.42
C GLY B 58 -20.32 -44.61 -2.88
N MET B 59 -20.35 -43.29 -2.68
CA MET B 59 -19.18 -42.60 -2.16
C MET B 59 -19.10 -42.67 -0.65
N GLY B 60 -17.89 -42.83 -0.13
CA GLY B 60 -17.70 -42.91 1.30
C GLY B 60 -16.92 -41.73 1.83
N PRO B 61 -16.46 -41.79 3.10
CA PRO B 61 -15.70 -40.71 3.72
C PRO B 61 -14.41 -40.46 2.95
N PHE B 62 -13.81 -41.54 2.44
CA PHE B 62 -12.58 -41.44 1.68
C PHE B 62 -12.77 -40.53 0.46
N GLU B 63 -13.83 -40.82 -0.31
CA GLU B 63 -14.13 -40.03 -1.51
C GLU B 63 -14.39 -38.57 -1.16
N VAL B 64 -15.13 -38.34 -0.09
CA VAL B 64 -15.44 -36.97 0.31
C VAL B 64 -14.16 -36.24 0.71
N GLY B 65 -13.31 -36.90 1.48
CA GLY B 65 -12.06 -36.28 1.89
C GLY B 65 -11.21 -35.98 0.66
N PHE B 66 -11.20 -36.92 -0.28
CA PHE B 66 -10.43 -36.78 -1.52
C PHE B 66 -10.94 -35.56 -2.29
N ARG B 67 -12.25 -35.51 -2.49
CA ARG B 67 -12.89 -34.43 -3.22
C ARG B 67 -12.61 -33.10 -2.56
N GLY B 68 -12.57 -33.10 -1.23
CA GLY B 68 -12.32 -31.89 -0.47
C GLY B 68 -11.00 -31.23 -0.81
N VAL B 69 -9.94 -32.03 -0.89
CA VAL B 69 -8.62 -31.50 -1.22
C VAL B 69 -8.53 -31.18 -2.72
N ALA B 70 -9.18 -32.01 -3.53
CA ALA B 70 -9.17 -31.84 -4.98
C ALA B 70 -9.78 -30.51 -5.39
N ALA B 71 -10.91 -30.16 -4.77
CA ALA B 71 -11.60 -28.91 -5.07
C ALA B 71 -10.72 -27.71 -4.76
N THR B 72 -10.26 -27.61 -3.51
CA THR B 72 -9.42 -26.49 -3.09
C THR B 72 -8.17 -26.40 -3.97
N ALA B 73 -7.59 -27.56 -4.28
CA ALA B 73 -6.40 -27.60 -5.12
C ALA B 73 -6.72 -27.05 -6.50
N SER B 74 -7.88 -27.43 -7.02
CA SER B 74 -8.33 -26.99 -8.34
C SER B 74 -8.45 -25.47 -8.42
N ASP B 75 -8.95 -24.84 -7.36
CA ASP B 75 -9.09 -23.39 -7.35
C ASP B 75 -7.71 -22.73 -7.34
N LEU B 76 -6.78 -23.31 -6.58
CA LEU B 76 -5.42 -22.80 -6.47
C LEU B 76 -4.67 -22.98 -7.80
N LEU B 77 -4.81 -24.15 -8.40
CA LEU B 77 -4.14 -24.47 -9.65
C LEU B 77 -4.58 -23.55 -10.79
N ALA B 78 -5.88 -23.26 -10.83
CA ALA B 78 -6.42 -22.39 -11.87
C ALA B 78 -5.78 -21.01 -11.83
N LYS B 79 -5.28 -20.63 -10.67
CA LYS B 79 -4.65 -19.32 -10.51
C LYS B 79 -3.15 -19.46 -10.73
N MET B 80 -2.73 -20.62 -11.21
CA MET B 80 -1.34 -20.92 -11.48
C MET B 80 -0.55 -20.97 -10.17
N GLY B 81 -1.23 -21.41 -9.11
CA GLY B 81 -0.57 -21.54 -7.84
C GLY B 81 -0.24 -23.01 -7.65
N ARG B 82 0.97 -23.29 -7.17
CA ARG B 82 1.39 -24.67 -6.93
C ARG B 82 1.06 -25.04 -5.49
N PRO B 83 -0.01 -25.83 -5.27
CA PRO B 83 -0.41 -26.23 -3.92
C PRO B 83 0.74 -26.84 -3.13
N LEU B 84 1.00 -26.31 -1.94
CA LEU B 84 2.08 -26.82 -1.10
C LEU B 84 1.58 -27.59 0.13
N GLY B 85 0.37 -27.25 0.59
CA GLY B 85 -0.17 -27.93 1.75
C GLY B 85 -1.63 -27.61 2.01
N PHE B 86 -2.29 -28.47 2.80
CA PHE B 86 -3.70 -28.29 3.13
C PHE B 86 -3.97 -28.57 4.60
N THR B 87 -4.98 -27.88 5.15
CA THR B 87 -5.38 -28.09 6.53
C THR B 87 -6.87 -28.38 6.51
N LEU B 88 -7.31 -29.27 7.38
CA LEU B 88 -8.71 -29.65 7.43
C LEU B 88 -9.43 -29.15 8.67
N GLY B 89 -10.68 -28.75 8.48
CA GLY B 89 -11.50 -28.31 9.57
C GLY B 89 -12.64 -29.30 9.61
N LEU B 90 -12.81 -30.00 10.74
CA LEU B 90 -13.86 -30.99 10.85
C LEU B 90 -14.91 -30.73 11.92
N PHE B 91 -16.16 -30.95 11.56
CA PHE B 91 -17.29 -30.82 12.47
C PHE B 91 -17.93 -32.19 12.49
N LEU B 92 -17.80 -32.90 13.61
CA LEU B 92 -18.32 -34.26 13.69
C LEU B 92 -19.29 -34.57 14.82
N PRO B 93 -20.31 -35.40 14.52
CA PRO B 93 -21.28 -35.76 15.56
C PRO B 93 -20.60 -36.77 16.50
N GLU B 94 -20.86 -36.67 17.79
CA GLU B 94 -20.24 -37.56 18.78
C GLU B 94 -20.39 -39.06 18.50
N ASP B 95 -21.56 -39.46 18.00
CA ASP B 95 -21.82 -40.88 17.71
C ASP B 95 -21.06 -41.48 16.54
N LEU B 96 -20.32 -40.65 15.81
CA LEU B 96 -19.58 -41.10 14.65
C LEU B 96 -18.47 -42.12 14.98
N GLU B 97 -18.25 -43.06 14.08
CA GLU B 97 -17.21 -44.07 14.26
C GLU B 97 -15.87 -43.41 13.94
N GLU B 98 -14.84 -43.72 14.72
CA GLU B 98 -13.52 -43.15 14.50
C GLU B 98 -13.02 -43.48 13.10
N GLY B 99 -13.42 -44.65 12.61
CA GLY B 99 -13.00 -45.08 11.28
C GLY B 99 -13.49 -44.16 10.19
N PHE B 100 -14.63 -43.53 10.42
CA PHE B 100 -15.23 -42.62 9.46
C PHE B 100 -14.30 -41.43 9.29
N VAL B 101 -13.76 -40.96 10.42
CA VAL B 101 -12.85 -39.83 10.43
C VAL B 101 -11.54 -40.20 9.74
N LEU B 102 -11.00 -41.38 10.08
CA LEU B 102 -9.76 -41.83 9.49
C LEU B 102 -9.88 -41.86 7.97
N GLU B 103 -11.00 -42.39 7.48
CA GLU B 103 -11.25 -42.46 6.05
C GLU B 103 -11.22 -41.07 5.41
N LEU B 104 -11.92 -40.12 6.02
CA LEU B 104 -11.96 -38.75 5.52
C LEU B 104 -10.56 -38.21 5.34
N VAL B 105 -9.77 -38.30 6.40
CA VAL B 105 -8.40 -37.80 6.40
C VAL B 105 -7.51 -38.56 5.41
N ARG B 106 -7.68 -39.87 5.35
CA ARG B 106 -6.88 -40.65 4.44
C ARG B 106 -7.18 -40.21 3.00
N GLY B 107 -8.46 -40.00 2.69
CA GLY B 107 -8.83 -39.56 1.37
C GLY B 107 -8.15 -38.23 1.05
N ALA B 108 -8.26 -37.28 1.96
CA ALA B 108 -7.65 -35.98 1.78
C ALA B 108 -6.14 -36.10 1.58
N ALA B 109 -5.49 -36.87 2.45
CA ALA B 109 -4.05 -37.07 2.37
C ALA B 109 -3.68 -37.70 1.03
N GLU B 110 -4.56 -38.58 0.55
CA GLU B 110 -4.35 -39.26 -0.72
C GLU B 110 -4.33 -38.22 -1.85
N ALA B 111 -5.40 -37.43 -1.95
CA ALA B 111 -5.49 -36.40 -2.98
C ALA B 111 -4.27 -35.49 -2.88
N ALA B 112 -3.94 -35.09 -1.67
CA ALA B 112 -2.80 -34.22 -1.43
C ALA B 112 -1.51 -34.81 -1.99
N LYS B 113 -1.25 -36.08 -1.67
CA LYS B 113 -0.04 -36.74 -2.12
C LYS B 113 0.06 -36.76 -3.65
N ARG B 114 -1.08 -36.85 -4.31
CA ARG B 114 -1.13 -36.88 -5.76
C ARG B 114 -0.60 -35.56 -6.34
N LEU B 115 -0.56 -34.51 -5.51
CA LEU B 115 -0.07 -33.20 -5.92
C LEU B 115 1.31 -32.92 -5.32
N GLY B 116 1.86 -33.90 -4.61
CA GLY B 116 3.16 -33.69 -3.98
C GLY B 116 3.01 -32.71 -2.84
N ALA B 117 1.79 -32.55 -2.35
CA ALA B 117 1.50 -31.64 -1.25
C ALA B 117 1.25 -32.45 0.01
N PHE B 118 0.97 -31.77 1.12
CA PHE B 118 0.75 -32.46 2.38
C PHE B 118 -0.44 -31.92 3.18
N LEU B 119 -0.80 -32.66 4.23
CA LEU B 119 -1.84 -32.25 5.14
C LEU B 119 -1.02 -31.74 6.31
N LEU B 120 -1.22 -30.49 6.68
CA LEU B 120 -0.47 -29.89 7.77
C LEU B 120 -1.27 -29.89 9.04
N GLY B 121 -2.18 -30.85 9.15
CA GLY B 121 -3.01 -30.97 10.34
C GLY B 121 -4.39 -30.38 10.12
N GLY B 122 -4.89 -29.68 11.12
CA GLY B 122 -6.20 -29.08 11.04
C GLY B 122 -6.84 -29.04 12.41
N ASP B 123 -8.16 -29.09 12.45
CA ASP B 123 -8.88 -29.04 13.71
C ASP B 123 -10.14 -29.90 13.63
N THR B 124 -10.66 -30.28 14.78
CA THR B 124 -11.87 -31.08 14.85
C THR B 124 -12.75 -30.52 15.94
N ASN B 125 -14.06 -30.53 15.72
CA ASN B 125 -15.01 -30.00 16.69
C ASN B 125 -16.32 -30.75 16.60
N ARG B 126 -17.09 -30.72 17.70
CA ARG B 126 -18.38 -31.38 17.74
C ARG B 126 -19.37 -30.59 16.90
N GLY B 127 -20.24 -31.30 16.19
CA GLY B 127 -21.23 -30.63 15.37
C GLY B 127 -22.46 -31.50 15.19
N VAL B 128 -23.54 -30.91 14.67
CA VAL B 128 -24.78 -31.63 14.46
C VAL B 128 -24.68 -32.59 13.28
N GLU B 129 -23.95 -32.20 12.24
CA GLU B 129 -23.80 -33.05 11.06
C GLU B 129 -22.38 -32.96 10.54
N VAL B 130 -21.94 -33.98 9.82
CA VAL B 130 -20.58 -33.99 9.28
C VAL B 130 -20.39 -32.84 8.29
N ALA B 131 -19.39 -32.00 8.58
CA ALA B 131 -19.08 -30.86 7.71
C ALA B 131 -17.57 -30.76 7.67
N LEU B 132 -17.06 -30.33 6.52
CA LEU B 132 -15.63 -30.23 6.33
C LEU B 132 -15.24 -28.98 5.55
N THR B 133 -14.10 -28.41 5.91
CA THR B 133 -13.56 -27.27 5.18
C THR B 133 -12.12 -27.65 4.92
N VAL B 134 -11.66 -27.38 3.71
CA VAL B 134 -10.29 -27.68 3.33
C VAL B 134 -9.66 -26.37 2.90
N SER B 135 -8.62 -25.95 3.60
CA SER B 135 -7.92 -24.72 3.26
C SER B 135 -6.54 -25.10 2.74
N GLY B 136 -6.07 -24.41 1.72
CA GLY B 136 -4.76 -24.71 1.17
C GLY B 136 -4.01 -23.49 0.66
N TYR B 137 -2.68 -23.55 0.70
CA TYR B 137 -1.90 -22.43 0.20
C TYR B 137 -1.00 -22.88 -0.94
N ALA B 138 -0.62 -21.95 -1.80
CA ALA B 138 0.21 -22.28 -2.93
C ALA B 138 1.10 -21.11 -3.34
N LEU B 139 2.18 -21.43 -4.03
CA LEU B 139 3.13 -20.43 -4.51
C LEU B 139 2.96 -20.29 -6.01
N ALA B 140 2.60 -19.10 -6.46
CA ALA B 140 2.42 -18.85 -7.88
C ALA B 140 3.52 -17.91 -8.37
N GLU B 141 4.37 -18.40 -9.28
CA GLU B 141 5.44 -17.58 -9.83
C GLU B 141 4.80 -16.49 -10.68
N ALA B 142 3.67 -16.83 -11.29
CA ALA B 142 2.93 -15.90 -12.15
C ALA B 142 1.44 -16.06 -11.91
N PRO B 143 0.92 -15.45 -10.84
CA PRO B 143 -0.52 -15.55 -10.54
C PRO B 143 -1.39 -15.24 -11.75
N LEU B 144 -2.47 -16.01 -11.91
CA LEU B 144 -3.40 -15.84 -13.02
C LEU B 144 -4.78 -15.43 -12.51
N PRO B 145 -5.12 -14.13 -12.62
CA PRO B 145 -6.41 -13.61 -12.17
C PRO B 145 -7.55 -13.79 -13.16
N ARG B 146 -8.73 -13.36 -12.75
CA ARG B 146 -9.90 -13.40 -13.61
C ARG B 146 -9.82 -12.17 -14.50
N LYS B 147 -9.25 -12.32 -15.69
CA LYS B 147 -9.11 -11.21 -16.61
C LYS B 147 -9.37 -11.68 -18.04
N ALA B 148 -10.05 -10.84 -18.83
CA ALA B 148 -10.34 -11.18 -20.22
C ALA B 148 -10.55 -9.94 -21.07
N LEU B 149 -9.98 -9.95 -22.27
CA LEU B 149 -10.09 -8.82 -23.19
C LEU B 149 -10.66 -9.29 -24.53
N PRO B 150 -11.50 -8.44 -25.16
CA PRO B 150 -12.07 -8.83 -26.46
C PRO B 150 -10.96 -9.28 -27.40
N GLY B 151 -11.19 -10.37 -28.12
CA GLY B 151 -10.19 -10.88 -29.02
C GLY B 151 -9.46 -12.07 -28.44
N ASP B 152 -9.63 -12.31 -27.14
CA ASP B 152 -8.99 -13.44 -26.51
C ASP B 152 -9.82 -14.68 -26.82
N LEU B 153 -9.19 -15.84 -26.77
CA LEU B 153 -9.88 -17.10 -27.05
C LEU B 153 -10.30 -17.80 -25.77
N LEU B 154 -11.37 -18.58 -25.89
CA LEU B 154 -11.93 -19.33 -24.78
C LEU B 154 -11.63 -20.83 -24.88
N TYR B 155 -10.87 -21.34 -23.92
CA TYR B 155 -10.51 -22.75 -23.88
C TYR B 155 -10.97 -23.40 -22.57
N LEU B 156 -11.22 -24.71 -22.62
CA LEU B 156 -11.63 -25.47 -21.45
C LEU B 156 -10.55 -26.51 -21.20
N ALA B 157 -10.02 -26.55 -19.98
CA ALA B 157 -9.00 -27.53 -19.65
C ALA B 157 -9.66 -28.70 -18.93
N GLY B 158 -9.00 -29.85 -18.92
CA GLY B 158 -9.55 -31.01 -18.25
C GLY B 158 -10.59 -31.77 -19.06
N ASP B 159 -11.10 -32.85 -18.49
CA ASP B 159 -12.09 -33.68 -19.16
C ASP B 159 -13.22 -34.14 -18.26
N ARG B 160 -13.48 -33.41 -17.18
CA ARG B 160 -14.56 -33.79 -16.28
C ARG B 160 -15.87 -33.13 -16.70
N TRP B 161 -15.81 -32.33 -17.75
CA TRP B 161 -16.98 -31.63 -18.27
C TRP B 161 -18.09 -32.60 -18.66
N GLY B 162 -19.29 -32.36 -18.15
CA GLY B 162 -20.44 -33.20 -18.43
C GLY B 162 -20.49 -34.45 -17.58
N ARG B 163 -19.32 -34.91 -17.14
CA ARG B 163 -19.23 -36.12 -16.35
C ARG B 163 -19.68 -36.00 -14.90
N THR B 164 -19.31 -34.91 -14.23
CA THR B 164 -19.73 -34.73 -12.85
C THR B 164 -21.25 -34.53 -12.85
N GLY B 165 -21.74 -33.85 -13.89
CA GLY B 165 -23.16 -33.62 -14.01
C GLY B 165 -23.91 -34.92 -14.24
N ALA B 166 -23.26 -35.86 -14.93
CA ALA B 166 -23.86 -37.16 -15.21
C ALA B 166 -23.91 -37.99 -13.92
N ALA B 167 -22.80 -37.96 -13.18
CA ALA B 167 -22.71 -38.70 -11.93
C ALA B 167 -23.82 -38.24 -10.98
N ILE B 168 -24.00 -36.93 -10.86
CA ILE B 168 -25.02 -36.35 -10.00
C ILE B 168 -26.42 -36.80 -10.43
N ARG B 169 -26.65 -36.79 -11.75
CA ARG B 169 -27.94 -37.20 -12.28
C ARG B 169 -28.13 -38.68 -11.98
N ALA B 170 -27.09 -39.47 -12.18
CA ALA B 170 -27.16 -40.91 -11.92
C ALA B 170 -27.59 -41.15 -10.49
N HIS B 171 -27.12 -40.29 -9.59
CA HIS B 171 -27.47 -40.40 -8.18
C HIS B 171 -28.98 -40.22 -8.00
N TYR B 172 -29.50 -39.10 -8.49
CA TYR B 172 -30.92 -38.80 -8.37
C TYR B 172 -31.84 -39.75 -9.12
N GLU B 173 -31.32 -40.46 -10.12
CA GLU B 173 -32.13 -41.41 -10.88
C GLU B 173 -31.84 -42.83 -10.43
N GLY B 174 -30.87 -42.98 -9.54
CA GLY B 174 -30.51 -44.29 -9.04
C GLY B 174 -29.96 -45.21 -10.12
N ARG B 175 -29.32 -44.62 -11.12
CA ARG B 175 -28.74 -45.40 -12.22
C ARG B 175 -27.31 -45.83 -11.89
N SER B 176 -27.00 -47.08 -12.23
CA SER B 176 -25.66 -47.62 -11.99
C SER B 176 -24.62 -46.97 -12.88
N LEU B 177 -23.43 -46.76 -12.35
CA LEU B 177 -22.37 -46.17 -13.12
C LEU B 177 -21.43 -47.25 -13.63
N GLU B 178 -21.89 -48.50 -13.60
CA GLU B 178 -21.06 -49.57 -14.12
C GLU B 178 -21.21 -49.35 -15.61
N GLY B 179 -20.10 -49.42 -16.35
CA GLY B 179 -20.18 -49.17 -17.77
C GLY B 179 -19.87 -47.70 -18.03
N PHE B 180 -19.66 -46.95 -16.93
CA PHE B 180 -19.34 -45.53 -16.98
C PHE B 180 -18.17 -45.22 -16.05
N PRO B 181 -17.07 -45.97 -16.17
CA PRO B 181 -15.88 -45.79 -15.33
C PRO B 181 -15.29 -44.37 -15.30
N LYS B 182 -15.36 -43.65 -16.42
CA LYS B 182 -14.81 -42.31 -16.44
C LYS B 182 -15.70 -41.32 -15.68
N ILE B 183 -17.01 -41.56 -15.72
CA ILE B 183 -17.95 -40.70 -15.02
C ILE B 183 -17.85 -40.92 -13.52
N ARG B 184 -17.60 -42.16 -13.12
CA ARG B 184 -17.46 -42.50 -11.71
C ARG B 184 -16.17 -41.88 -11.17
N GLU B 185 -15.13 -41.86 -11.98
CA GLU B 185 -13.85 -41.30 -11.58
C GLU B 185 -13.92 -39.79 -11.39
N ALA B 186 -14.63 -39.12 -12.30
CA ALA B 186 -14.77 -37.67 -12.22
C ALA B 186 -15.49 -37.25 -10.94
N ALA B 187 -16.42 -38.08 -10.48
CA ALA B 187 -17.17 -37.78 -9.27
C ALA B 187 -16.48 -38.29 -8.02
N PHE B 188 -16.03 -39.54 -8.04
CA PHE B 188 -15.37 -40.14 -6.88
C PHE B 188 -13.94 -39.64 -6.64
N TYR B 189 -13.15 -39.51 -7.69
CA TYR B 189 -11.77 -39.06 -7.54
C TYR B 189 -11.38 -38.01 -8.58
N PRO B 190 -11.93 -36.81 -8.44
CA PRO B 190 -11.61 -35.72 -9.38
C PRO B 190 -10.17 -35.29 -9.20
N LEU B 191 -9.25 -36.07 -9.78
CA LEU B 191 -7.83 -35.78 -9.70
C LEU B 191 -7.50 -34.35 -10.15
N PRO B 192 -6.86 -33.58 -9.26
CA PRO B 192 -6.49 -32.19 -9.57
C PRO B 192 -5.41 -32.23 -10.65
N ARG B 193 -5.43 -31.26 -11.57
CA ARG B 193 -4.45 -31.25 -12.65
C ARG B 193 -3.26 -30.34 -12.47
N LEU B 194 -2.13 -30.91 -12.05
CA LEU B 194 -0.91 -30.13 -11.87
C LEU B 194 -0.44 -29.63 -13.23
N GLU B 195 -0.89 -30.31 -14.28
CA GLU B 195 -0.52 -29.95 -15.64
C GLU B 195 -0.90 -28.52 -16.00
N LEU B 196 -1.90 -27.94 -15.31
CA LEU B 196 -2.30 -26.57 -15.60
C LEU B 196 -1.14 -25.60 -15.46
N LEU B 197 -0.25 -25.88 -14.51
CA LEU B 197 0.90 -25.02 -14.26
C LEU B 197 1.79 -24.92 -15.49
N ALA B 198 1.63 -25.85 -16.42
CA ALA B 198 2.42 -25.86 -17.65
C ALA B 198 2.16 -24.58 -18.46
N LEU B 199 1.03 -23.94 -18.20
CA LEU B 199 0.67 -22.71 -18.91
C LEU B 199 0.96 -21.45 -18.10
N SER B 200 1.71 -21.62 -17.01
CA SER B 200 2.06 -20.50 -16.14
C SER B 200 2.74 -19.37 -16.91
N GLY B 201 2.18 -18.17 -16.81
CA GLY B 201 2.74 -17.01 -17.49
C GLY B 201 2.43 -16.88 -18.97
N LEU B 202 1.48 -17.67 -19.48
CA LEU B 202 1.11 -17.62 -20.90
C LEU B 202 -0.34 -17.21 -21.15
N LEU B 203 -1.16 -17.24 -20.10
CA LEU B 203 -2.58 -16.91 -20.24
C LEU B 203 -2.97 -15.52 -19.77
N ARG B 204 -4.13 -15.06 -20.25
CA ARG B 204 -4.65 -13.75 -19.88
C ARG B 204 -5.36 -13.86 -18.54
N GLY B 205 -6.13 -14.93 -18.37
CA GLY B 205 -6.85 -15.11 -17.13
C GLY B 205 -7.48 -16.49 -17.06
N SER B 206 -8.25 -16.73 -16.01
CA SER B 206 -8.90 -18.02 -15.85
C SER B 206 -9.93 -17.99 -14.73
N LEU B 207 -10.86 -18.94 -14.79
CA LEU B 207 -11.90 -19.08 -13.79
C LEU B 207 -12.03 -20.57 -13.56
N ASP B 208 -12.21 -20.99 -12.31
CA ASP B 208 -12.37 -22.40 -12.04
C ASP B 208 -13.88 -22.62 -11.98
N SER B 209 -14.36 -23.67 -12.66
CA SER B 209 -15.79 -23.98 -12.70
C SER B 209 -16.22 -25.08 -11.75
N SER B 210 -17.09 -24.74 -10.80
CA SER B 210 -17.58 -25.70 -9.82
C SER B 210 -19.08 -25.58 -9.63
N ASP B 211 -19.63 -24.42 -9.96
CA ASP B 211 -21.06 -24.22 -9.81
C ASP B 211 -21.82 -24.35 -11.12
N GLY B 212 -21.15 -24.93 -12.12
CA GLY B 212 -21.77 -25.10 -13.43
C GLY B 212 -21.04 -24.28 -14.47
N LEU B 213 -20.83 -24.85 -15.65
CA LEU B 213 -20.12 -24.15 -16.73
C LEU B 213 -20.84 -22.87 -17.18
N ALA B 214 -22.14 -22.97 -17.41
CA ALA B 214 -22.91 -21.82 -17.84
C ALA B 214 -22.70 -20.67 -16.85
N GLU B 215 -22.84 -20.98 -15.56
CA GLU B 215 -22.66 -20.00 -14.50
C GLU B 215 -21.27 -19.37 -14.58
N THR B 216 -20.25 -20.20 -14.80
CA THR B 216 -18.88 -19.70 -14.89
C THR B 216 -18.71 -18.76 -16.09
N LEU B 217 -19.41 -19.06 -17.19
CA LEU B 217 -19.32 -18.23 -18.38
C LEU B 217 -19.93 -16.86 -18.09
N TRP B 218 -20.99 -16.85 -17.29
CA TRP B 218 -21.60 -15.58 -16.94
C TRP B 218 -20.69 -14.76 -16.01
N GLN B 219 -19.87 -15.44 -15.21
CA GLN B 219 -18.96 -14.75 -14.32
C GLN B 219 -17.89 -14.06 -15.18
N LEU B 220 -17.50 -14.73 -16.26
CA LEU B 220 -16.51 -14.14 -17.16
C LEU B 220 -17.14 -12.95 -17.84
N ALA B 221 -18.37 -13.11 -18.31
CA ALA B 221 -19.08 -12.04 -19.00
C ALA B 221 -19.24 -10.83 -18.10
N ASP B 222 -19.64 -11.07 -16.85
CA ASP B 222 -19.85 -10.00 -15.88
C ASP B 222 -18.59 -9.17 -15.62
N LEU B 223 -17.45 -9.60 -16.14
CA LEU B 223 -16.22 -8.85 -15.96
C LEU B 223 -16.27 -7.65 -16.92
N GLY B 224 -17.35 -7.59 -17.70
CA GLY B 224 -17.53 -6.51 -18.66
C GLY B 224 -17.24 -6.89 -20.11
N VAL B 225 -17.45 -8.15 -20.46
CA VAL B 225 -17.19 -8.59 -21.83
C VAL B 225 -18.28 -9.50 -22.38
N GLY B 226 -18.13 -9.84 -23.66
CA GLY B 226 -19.07 -10.73 -24.32
C GLY B 226 -18.43 -12.09 -24.44
N VAL B 227 -19.26 -13.14 -24.43
CA VAL B 227 -18.77 -14.51 -24.52
C VAL B 227 -19.54 -15.30 -25.58
N GLU B 228 -18.82 -15.76 -26.60
CA GLU B 228 -19.40 -16.54 -27.70
C GLU B 228 -18.86 -17.96 -27.68
N VAL B 229 -19.73 -18.93 -27.47
CA VAL B 229 -19.29 -20.32 -27.44
C VAL B 229 -19.61 -20.98 -28.78
N GLU B 230 -18.56 -21.45 -29.46
CA GLU B 230 -18.68 -22.09 -30.76
C GLU B 230 -18.83 -23.60 -30.66
N ALA B 231 -18.39 -24.18 -29.54
CA ALA B 231 -18.49 -25.62 -29.33
C ALA B 231 -18.31 -26.01 -27.86
N LEU B 232 -18.78 -27.20 -27.51
CA LEU B 232 -18.67 -27.71 -26.16
C LEU B 232 -18.36 -29.19 -26.26
N PRO B 233 -17.50 -29.71 -25.37
CA PRO B 233 -17.18 -31.13 -25.43
C PRO B 233 -18.31 -32.05 -24.95
N LEU B 234 -18.65 -33.03 -25.78
CA LEU B 234 -19.69 -34.00 -25.44
C LEU B 234 -19.02 -35.36 -25.59
N TYR B 235 -18.36 -35.79 -24.53
CA TYR B 235 -17.65 -37.06 -24.56
C TYR B 235 -18.59 -38.23 -24.84
N PRO B 236 -18.06 -39.30 -25.46
CA PRO B 236 -18.82 -40.49 -25.81
C PRO B 236 -19.64 -41.07 -24.66
N ASP B 237 -19.04 -41.17 -23.48
CA ASP B 237 -19.75 -41.71 -22.32
C ASP B 237 -20.88 -40.81 -21.83
N VAL B 238 -20.66 -39.50 -21.88
CA VAL B 238 -21.69 -38.55 -21.44
C VAL B 238 -22.86 -38.55 -22.42
N LEU B 239 -22.54 -38.61 -23.70
CA LEU B 239 -23.56 -38.64 -24.73
C LEU B 239 -24.35 -39.94 -24.55
N ALA B 240 -23.61 -41.03 -24.37
CA ALA B 240 -24.21 -42.35 -24.17
C ALA B 240 -25.11 -42.37 -22.94
N PHE B 241 -24.67 -41.69 -21.88
CA PHE B 241 -25.44 -41.65 -20.64
C PHE B 241 -26.71 -40.81 -20.77
N ALA B 242 -26.58 -39.62 -21.35
CA ALA B 242 -27.70 -38.70 -21.52
C ALA B 242 -28.82 -39.16 -22.47
N GLY B 243 -28.44 -39.86 -23.53
CA GLY B 243 -29.43 -40.35 -24.47
C GLY B 243 -29.63 -39.49 -25.70
N SER B 244 -29.05 -38.29 -25.67
CA SER B 244 -29.16 -37.37 -26.80
C SER B 244 -28.16 -36.24 -26.61
N GLU B 245 -27.94 -35.49 -27.68
CA GLU B 245 -27.00 -34.37 -27.66
C GLU B 245 -27.57 -33.26 -26.77
N GLU B 246 -28.88 -33.02 -26.88
CA GLU B 246 -29.54 -31.99 -26.09
C GLU B 246 -29.35 -32.25 -24.60
N ALA B 247 -29.54 -33.49 -24.18
CA ALA B 247 -29.41 -33.88 -22.79
C ALA B 247 -27.96 -33.78 -22.33
N ALA B 248 -27.05 -34.16 -23.20
CA ALA B 248 -25.63 -34.10 -22.87
C ALA B 248 -25.23 -32.65 -22.63
N LEU B 249 -25.72 -31.74 -23.48
CA LEU B 249 -25.41 -30.32 -23.34
C LEU B 249 -25.83 -29.78 -21.98
N GLU B 250 -27.04 -30.14 -21.56
CA GLU B 250 -27.56 -29.71 -20.27
C GLU B 250 -26.65 -30.16 -19.12
N LEU B 251 -26.09 -31.36 -19.23
CA LEU B 251 -25.20 -31.88 -18.20
C LEU B 251 -23.87 -31.15 -18.21
N VAL B 252 -23.42 -30.74 -19.39
CA VAL B 252 -22.16 -30.04 -19.53
C VAL B 252 -22.30 -28.60 -19.05
N LEU B 253 -23.41 -27.97 -19.42
CA LEU B 253 -23.68 -26.59 -19.07
C LEU B 253 -24.21 -26.37 -17.66
N TYR B 254 -25.05 -27.28 -17.18
CA TYR B 254 -25.64 -27.13 -15.86
C TYR B 254 -25.42 -28.32 -14.94
N GLY B 255 -24.17 -28.77 -14.84
CA GLY B 255 -23.89 -29.91 -14.00
C GLY B 255 -23.32 -29.50 -12.65
N GLY B 256 -22.09 -28.99 -12.66
CA GLY B 256 -21.45 -28.55 -11.44
C GLY B 256 -20.45 -29.56 -10.90
N GLU B 257 -19.64 -29.11 -9.94
CA GLU B 257 -18.63 -29.94 -9.31
C GLU B 257 -17.53 -30.40 -10.26
N GLU B 258 -17.38 -29.72 -11.38
CA GLU B 258 -16.36 -30.10 -12.34
C GLU B 258 -14.97 -29.78 -11.81
N PHE B 259 -14.81 -28.57 -11.29
CA PHE B 259 -13.54 -28.08 -10.78
C PHE B 259 -12.49 -28.16 -11.88
N GLU B 260 -12.90 -27.71 -13.06
CA GLU B 260 -12.05 -27.67 -14.24
C GLU B 260 -11.95 -26.20 -14.61
N ALA B 261 -10.80 -25.80 -15.13
CA ALA B 261 -10.57 -24.40 -15.48
C ALA B 261 -11.02 -23.92 -16.85
N VAL B 262 -11.54 -22.69 -16.87
CA VAL B 262 -11.95 -22.03 -18.11
C VAL B 262 -10.75 -21.10 -18.33
N LEU B 263 -10.08 -21.24 -19.47
CA LEU B 263 -8.91 -20.44 -19.76
C LEU B 263 -9.14 -19.34 -20.80
N VAL B 264 -8.63 -18.14 -20.52
CA VAL B 264 -8.75 -17.01 -21.43
C VAL B 264 -7.38 -16.89 -22.10
N VAL B 265 -7.32 -17.29 -23.37
CA VAL B 265 -6.06 -17.29 -24.11
C VAL B 265 -5.95 -16.17 -25.16
N PRO B 266 -4.77 -15.52 -25.23
CA PRO B 266 -4.56 -14.45 -26.21
C PRO B 266 -4.30 -15.10 -27.56
N GLN B 267 -4.83 -14.52 -28.63
CA GLN B 267 -4.66 -15.08 -29.97
C GLN B 267 -3.19 -15.33 -30.33
N GLU B 268 -2.35 -14.35 -30.07
CA GLU B 268 -0.92 -14.45 -30.37
C GLU B 268 -0.23 -15.64 -29.73
N GLY B 269 -0.65 -16.03 -28.53
CA GLY B 269 -0.01 -17.14 -27.87
C GLY B 269 -0.79 -18.44 -27.86
N ALA B 270 -1.95 -18.45 -28.53
CA ALA B 270 -2.78 -19.65 -28.57
C ALA B 270 -2.07 -20.89 -29.09
N ALA B 271 -1.40 -20.75 -30.22
CA ALA B 271 -0.68 -21.88 -30.83
C ALA B 271 0.31 -22.52 -29.84
N ALA B 272 1.16 -21.69 -29.25
CA ALA B 272 2.14 -22.19 -28.29
C ALA B 272 1.43 -22.84 -27.10
N VAL B 273 0.31 -22.25 -26.70
CA VAL B 273 -0.47 -22.78 -25.58
C VAL B 273 -0.96 -24.18 -25.90
N GLU B 274 -1.54 -24.37 -27.08
CA GLU B 274 -2.03 -25.69 -27.46
C GLU B 274 -0.81 -26.60 -27.59
N ALA B 275 0.33 -25.98 -27.91
CA ALA B 275 1.58 -26.70 -28.08
C ALA B 275 2.07 -27.28 -26.76
N ARG B 276 2.23 -26.42 -25.75
CA ARG B 276 2.71 -26.85 -24.44
C ARG B 276 1.70 -27.77 -23.74
N ALA B 277 0.41 -27.49 -23.93
CA ALA B 277 -0.64 -28.30 -23.31
C ALA B 277 -0.52 -29.73 -23.82
N LYS B 278 -0.41 -29.86 -25.13
CA LYS B 278 -0.29 -31.17 -25.76
C LYS B 278 0.94 -31.90 -25.27
N ALA B 279 2.04 -31.16 -25.13
CA ALA B 279 3.31 -31.73 -24.67
C ALA B 279 3.31 -32.12 -23.20
N LYS B 280 2.55 -31.40 -22.39
CA LYS B 280 2.50 -31.68 -20.96
C LYS B 280 1.32 -32.54 -20.51
N GLY B 281 0.63 -33.15 -21.47
CA GLY B 281 -0.51 -33.99 -21.15
C GLY B 281 -1.67 -33.29 -20.48
N LEU B 282 -1.98 -32.09 -20.94
CA LEU B 282 -3.10 -31.31 -20.38
C LEU B 282 -4.21 -31.22 -21.40
N PRO B 283 -5.36 -31.86 -21.13
CA PRO B 283 -6.44 -31.76 -22.11
C PRO B 283 -6.81 -30.29 -22.32
N LEU B 284 -7.08 -29.92 -23.58
CA LEU B 284 -7.45 -28.55 -23.91
C LEU B 284 -8.51 -28.56 -25.01
N PHE B 285 -9.56 -27.76 -24.84
CA PHE B 285 -10.66 -27.68 -25.79
C PHE B 285 -11.00 -26.23 -26.14
N ARG B 286 -10.96 -25.89 -27.43
CA ARG B 286 -11.29 -24.52 -27.85
C ARG B 286 -12.81 -24.40 -27.94
N ALA B 287 -13.38 -23.67 -26.99
CA ALA B 287 -14.82 -23.53 -26.91
C ALA B 287 -15.41 -22.22 -27.42
N GLY B 288 -14.62 -21.17 -27.50
CA GLY B 288 -15.18 -19.93 -27.98
C GLY B 288 -14.31 -18.68 -28.02
N ARG B 289 -14.98 -17.53 -27.98
CA ARG B 289 -14.29 -16.25 -28.05
C ARG B 289 -14.81 -15.25 -27.02
N VAL B 290 -13.93 -14.36 -26.61
CA VAL B 290 -14.31 -13.28 -25.70
C VAL B 290 -14.49 -12.13 -26.69
N VAL B 291 -15.63 -11.46 -26.66
CA VAL B 291 -15.87 -10.37 -27.60
C VAL B 291 -16.41 -9.11 -26.95
N ALA B 292 -16.44 -8.03 -27.72
CA ALA B 292 -16.95 -6.76 -27.23
C ALA B 292 -18.45 -6.92 -27.05
N GLY B 293 -19.04 -6.06 -26.24
CA GLY B 293 -20.47 -6.14 -26.01
C GLY B 293 -20.75 -6.76 -24.65
N GLU B 294 -21.86 -7.47 -24.54
CA GLU B 294 -22.25 -8.10 -23.30
C GLU B 294 -22.98 -9.40 -23.57
N GLY B 295 -23.16 -10.20 -22.52
CA GLY B 295 -23.87 -11.46 -22.65
C GLY B 295 -23.04 -12.68 -23.03
N VAL B 296 -23.65 -13.84 -22.84
CA VAL B 296 -23.04 -15.12 -23.16
C VAL B 296 -23.92 -15.77 -24.22
N TYR B 297 -23.29 -16.29 -25.27
CA TYR B 297 -24.03 -16.91 -26.37
C TYR B 297 -23.48 -18.26 -26.81
N LEU B 298 -24.41 -19.17 -27.11
CA LEU B 298 -24.06 -20.51 -27.57
C LEU B 298 -24.40 -20.54 -29.05
N ARG B 299 -23.37 -20.59 -29.88
CA ARG B 299 -23.54 -20.61 -31.34
C ARG B 299 -24.70 -19.72 -31.78
N GLY B 300 -24.63 -18.46 -31.38
CA GLY B 300 -25.65 -17.50 -31.76
C GLY B 300 -26.77 -17.18 -30.78
N ALA B 301 -27.23 -18.18 -30.03
CA ALA B 301 -28.34 -17.97 -29.11
C ALA B 301 -27.94 -17.65 -27.66
N PRO B 302 -28.68 -16.75 -27.01
CA PRO B 302 -28.41 -16.36 -25.62
C PRO B 302 -28.36 -17.59 -24.73
N LEU B 303 -27.35 -17.68 -23.87
CA LEU B 303 -27.21 -18.82 -22.98
C LEU B 303 -27.79 -18.49 -21.60
N PRO B 304 -28.86 -19.20 -21.19
CA PRO B 304 -29.48 -18.96 -19.90
C PRO B 304 -28.50 -19.22 -18.75
N ARG B 305 -28.47 -18.32 -17.78
CA ARG B 305 -27.56 -18.50 -16.65
C ARG B 305 -28.07 -19.61 -15.72
N MET C 1 0.79 4.83 -25.93
CA MET C 1 2.25 4.64 -26.20
C MET C 1 3.07 4.80 -24.92
N ARG C 2 3.99 3.87 -24.70
CA ARG C 2 4.86 3.89 -23.53
C ARG C 2 5.72 5.16 -23.51
N LEU C 3 6.10 5.60 -22.31
CA LEU C 3 6.92 6.78 -22.16
C LEU C 3 8.30 6.55 -22.79
N LYS C 4 8.82 5.33 -22.65
CA LYS C 4 10.11 4.99 -23.21
C LYS C 4 10.14 5.21 -24.72
N ASP C 5 9.02 4.96 -25.38
CA ASP C 5 8.91 5.11 -26.82
C ASP C 5 8.52 6.53 -27.25
N LEU C 6 7.83 7.25 -26.38
CA LEU C 6 7.38 8.61 -26.67
C LEU C 6 8.54 9.61 -26.71
N GLY C 7 9.38 9.57 -25.68
CA GLY C 7 10.52 10.46 -25.61
C GLY C 7 10.25 11.62 -24.68
N GLU C 8 11.29 12.18 -24.08
CA GLU C 8 11.14 13.29 -23.14
C GLU C 8 10.65 14.55 -23.83
N ARG C 9 11.24 14.89 -24.98
CA ARG C 9 10.84 16.07 -25.73
C ARG C 9 9.36 16.05 -26.09
N ALA C 10 8.92 14.96 -26.69
CA ALA C 10 7.53 14.82 -27.09
C ALA C 10 6.58 14.96 -25.90
N LEU C 11 6.92 14.27 -24.81
CA LEU C 11 6.09 14.33 -23.60
C LEU C 11 6.02 15.76 -23.06
N LEU C 12 7.18 16.35 -22.79
CA LEU C 12 7.21 17.70 -22.25
C LEU C 12 6.46 18.68 -23.16
N ALA C 13 6.61 18.51 -24.47
CA ALA C 13 5.93 19.39 -25.41
C ALA C 13 4.41 19.31 -25.27
N ARG C 14 3.90 18.12 -24.98
CA ARG C 14 2.46 17.93 -24.83
C ARG C 14 1.94 18.48 -23.50
N LEU C 15 2.75 18.40 -22.46
CA LEU C 15 2.35 18.88 -21.14
C LEU C 15 2.49 20.39 -20.91
N ALA C 16 3.46 21.00 -21.60
CA ALA C 16 3.75 22.42 -21.46
C ALA C 16 2.59 23.44 -21.41
N PRO C 17 1.67 23.37 -22.38
CA PRO C 17 0.58 24.34 -22.34
C PRO C 17 -0.56 24.06 -21.35
N LEU C 18 -0.63 22.83 -20.84
CA LEU C 18 -1.69 22.43 -19.92
C LEU C 18 -1.78 23.24 -18.64
N GLY C 19 -2.84 24.05 -18.51
CA GLY C 19 -3.02 24.87 -17.33
C GLY C 19 -2.13 26.10 -17.29
N TYR C 20 -1.41 26.39 -18.37
CA TYR C 20 -0.51 27.56 -18.39
C TYR C 20 -1.29 28.86 -18.60
N PRO C 21 -0.86 29.96 -17.94
CA PRO C 21 -1.54 31.26 -18.08
C PRO C 21 -1.41 31.89 -19.47
N PRO C 22 -2.53 32.38 -20.01
CA PRO C 22 -2.55 33.02 -21.33
C PRO C 22 -1.84 34.37 -21.42
N GLU C 23 -1.74 35.10 -20.31
CA GLU C 23 -1.07 36.41 -20.36
C GLU C 23 0.26 36.44 -19.60
N ALA C 24 0.92 35.29 -19.54
CA ALA C 24 2.16 35.13 -18.82
C ALA C 24 3.36 35.97 -19.30
N PRO C 25 4.31 36.21 -18.39
CA PRO C 25 5.52 36.98 -18.69
C PRO C 25 6.47 36.14 -19.56
N LEU C 26 6.24 34.83 -19.60
CA LEU C 26 7.04 33.92 -20.40
C LEU C 26 6.10 32.95 -21.11
N PRO C 27 6.47 32.50 -22.32
CA PRO C 27 5.62 31.57 -23.07
C PRO C 27 5.67 30.17 -22.45
N PRO C 28 4.74 29.28 -22.84
CA PRO C 28 4.75 27.92 -22.29
C PRO C 28 6.00 27.24 -22.80
N GLY C 29 6.54 26.30 -22.03
CA GLY C 29 7.73 25.57 -22.46
C GLY C 29 9.04 26.34 -22.38
N ASP C 30 9.09 27.42 -21.60
CA ASP C 30 10.32 28.20 -21.46
C ASP C 30 11.13 27.65 -20.28
N ASP C 31 12.30 28.24 -20.03
CA ASP C 31 13.16 27.76 -18.95
C ASP C 31 12.53 27.84 -17.57
N ALA C 32 11.48 28.63 -17.47
CA ALA C 32 10.73 28.78 -16.22
C ALA C 32 9.33 29.22 -16.62
N GLY C 33 8.40 29.25 -15.66
CA GLY C 33 7.07 29.72 -15.93
C GLY C 33 6.79 30.88 -14.99
N GLY C 34 5.69 31.60 -15.17
CA GLY C 34 5.41 32.71 -14.27
C GLY C 34 4.16 33.48 -14.57
N VAL C 35 3.83 34.42 -13.69
CA VAL C 35 2.66 35.27 -13.89
C VAL C 35 3.02 36.70 -13.51
N TRP C 36 2.22 37.65 -13.98
CA TRP C 36 2.43 39.04 -13.66
C TRP C 36 1.68 39.30 -12.36
N ALA C 37 2.38 39.82 -11.36
CA ALA C 37 1.73 40.13 -10.08
C ALA C 37 2.23 41.48 -9.56
N GLU C 38 1.30 42.42 -9.42
CA GLU C 38 1.59 43.76 -8.93
C GLU C 38 2.83 44.39 -9.58
N GLY C 39 2.88 44.34 -10.90
CA GLY C 39 3.97 44.96 -11.64
C GLY C 39 5.24 44.15 -11.85
N ARG C 40 5.34 42.99 -11.22
CA ARG C 40 6.52 42.17 -11.38
C ARG C 40 6.16 40.81 -11.97
N ALA C 41 7.12 40.24 -12.69
CA ALA C 41 6.94 38.92 -13.27
C ALA C 41 7.46 37.94 -12.23
N TRP C 42 6.56 37.21 -11.60
CA TRP C 42 7.00 36.24 -10.59
C TRP C 42 7.17 34.87 -11.24
N LEU C 43 8.39 34.39 -11.25
CA LEU C 43 8.70 33.11 -11.88
C LEU C 43 8.80 31.95 -10.92
N LEU C 44 8.44 30.77 -11.41
CA LEU C 44 8.47 29.56 -10.60
C LEU C 44 9.05 28.45 -11.47
N LYS C 45 9.85 27.59 -10.85
CA LYS C 45 10.49 26.50 -11.59
C LYS C 45 10.81 25.30 -10.70
N THR C 46 10.69 24.10 -11.27
CA THR C 46 11.02 22.88 -10.54
C THR C 46 11.95 22.04 -11.38
N ASP C 47 13.03 21.58 -10.78
CA ASP C 47 13.98 20.70 -11.46
C ASP C 47 14.10 19.49 -10.55
N GLY C 48 13.93 18.30 -11.11
CA GLY C 48 14.05 17.11 -10.30
C GLY C 48 15.13 16.19 -10.83
N PHE C 49 15.49 15.19 -10.03
CA PHE C 49 16.50 14.24 -10.46
C PHE C 49 16.73 13.12 -9.46
N LEU C 50 17.31 12.04 -9.95
CA LEU C 50 17.65 10.90 -9.12
C LEU C 50 19.10 11.11 -8.71
N TYR C 51 19.38 10.84 -7.45
CA TYR C 51 20.72 10.99 -6.91
C TYR C 51 21.80 10.33 -7.77
N ARG C 52 21.59 9.07 -8.12
CA ARG C 52 22.58 8.33 -8.91
C ARG C 52 22.83 8.88 -10.32
N GLU C 53 21.91 9.68 -10.84
CA GLU C 53 22.10 10.25 -12.17
C GLU C 53 23.00 11.46 -12.13
N VAL C 54 23.12 12.07 -10.96
CA VAL C 54 23.91 13.29 -10.81
C VAL C 54 25.27 13.12 -10.12
N ALA C 55 25.34 12.17 -9.21
CA ALA C 55 26.57 11.94 -8.47
C ALA C 55 27.71 11.34 -9.29
N LEU C 56 28.70 12.15 -9.63
CA LEU C 56 29.85 11.67 -10.37
C LEU C 56 30.86 11.25 -9.30
N LYS C 57 31.89 10.51 -9.72
CA LYS C 57 32.90 10.05 -8.77
C LYS C 57 33.44 11.23 -7.97
N GLY C 58 33.55 11.05 -6.66
CA GLY C 58 34.06 12.11 -5.81
C GLY C 58 33.00 13.03 -5.25
N MET C 59 31.80 12.99 -5.82
CA MET C 59 30.72 13.83 -5.33
C MET C 59 29.92 13.12 -4.26
N GLY C 60 29.53 13.86 -3.24
CA GLY C 60 28.73 13.31 -2.16
C GLY C 60 27.39 14.03 -2.12
N PRO C 61 26.56 13.79 -1.10
CA PRO C 61 25.25 14.45 -1.01
C PRO C 61 25.31 15.98 -0.93
N PHE C 62 26.38 16.53 -0.37
CA PHE C 62 26.52 17.98 -0.27
C PHE C 62 26.55 18.58 -1.67
N GLU C 63 27.33 17.96 -2.55
CA GLU C 63 27.46 18.45 -3.92
C GLU C 63 26.15 18.29 -4.69
N VAL C 64 25.47 17.17 -4.46
CA VAL C 64 24.20 16.91 -5.15
C VAL C 64 23.15 17.94 -4.73
N GLY C 65 23.05 18.22 -3.43
CA GLY C 65 22.09 19.22 -2.99
C GLY C 65 22.44 20.59 -3.54
N PHE C 66 23.73 20.91 -3.62
CA PHE C 66 24.21 22.19 -4.15
C PHE C 66 23.79 22.29 -5.63
N ARG C 67 24.01 21.22 -6.38
CA ARG C 67 23.65 21.23 -7.79
C ARG C 67 22.16 21.32 -8.08
N GLY C 68 21.34 20.78 -7.18
CA GLY C 68 19.90 20.85 -7.37
C GLY C 68 19.46 22.31 -7.37
N VAL C 69 19.96 23.07 -6.40
CA VAL C 69 19.63 24.49 -6.32
C VAL C 69 20.30 25.24 -7.49
N ALA C 70 21.56 24.92 -7.75
CA ALA C 70 22.29 25.59 -8.83
C ALA C 70 21.50 25.48 -10.13
N ALA C 71 21.00 24.28 -10.43
CA ALA C 71 20.24 24.05 -11.65
C ALA C 71 18.96 24.89 -11.72
N THR C 72 18.14 24.83 -10.68
CA THR C 72 16.89 25.59 -10.65
C THR C 72 17.18 27.09 -10.74
N ALA C 73 18.18 27.54 -9.99
CA ALA C 73 18.56 28.95 -10.01
C ALA C 73 19.01 29.37 -11.41
N SER C 74 19.73 28.51 -12.11
CA SER C 74 20.22 28.87 -13.44
C SER C 74 19.09 29.09 -14.44
N ASP C 75 18.05 28.26 -14.37
CA ASP C 75 16.91 28.42 -15.26
C ASP C 75 16.20 29.75 -14.95
N LEU C 76 16.03 30.05 -13.68
CA LEU C 76 15.40 31.30 -13.28
C LEU C 76 16.23 32.52 -13.72
N LEU C 77 17.54 32.46 -13.53
CA LEU C 77 18.45 33.56 -13.90
C LEU C 77 18.49 33.82 -15.41
N ALA C 78 18.44 32.76 -16.21
CA ALA C 78 18.43 32.92 -17.67
C ALA C 78 17.21 33.73 -18.11
N LYS C 79 16.12 33.60 -17.34
CA LYS C 79 14.89 34.36 -17.63
C LYS C 79 14.94 35.76 -17.02
N MET C 80 16.10 36.11 -16.46
CA MET C 80 16.33 37.40 -15.82
C MET C 80 15.55 37.58 -14.51
N GLY C 81 15.33 36.48 -13.82
CA GLY C 81 14.63 36.55 -12.56
C GLY C 81 15.64 36.44 -11.43
N ARG C 82 15.46 37.24 -10.38
CA ARG C 82 16.34 37.19 -9.21
C ARG C 82 15.80 36.12 -8.24
N PRO C 83 16.50 34.98 -8.12
CA PRO C 83 16.05 33.91 -7.22
C PRO C 83 15.99 34.40 -5.76
N LEU C 84 14.86 34.16 -5.10
CA LEU C 84 14.70 34.60 -3.71
C LEU C 84 14.63 33.46 -2.70
N GLY C 85 14.24 32.28 -3.17
CA GLY C 85 14.13 31.16 -2.26
C GLY C 85 13.83 29.86 -2.98
N PHE C 86 14.11 28.75 -2.31
CA PHE C 86 13.90 27.41 -2.86
C PHE C 86 13.27 26.50 -1.82
N THR C 87 12.55 25.47 -2.30
CA THR C 87 11.97 24.47 -1.41
C THR C 87 12.42 23.12 -1.94
N LEU C 88 12.59 22.16 -1.05
CA LEU C 88 13.03 20.83 -1.44
C LEU C 88 11.99 19.74 -1.26
N GLY C 89 11.93 18.83 -2.23
CA GLY C 89 11.04 17.68 -2.15
C GLY C 89 12.00 16.50 -2.16
N LEU C 90 12.06 15.74 -1.07
CA LEU C 90 12.99 14.62 -1.01
C LEU C 90 12.32 13.25 -0.87
N PHE C 91 12.82 12.27 -1.61
CA PHE C 91 12.31 10.90 -1.53
C PHE C 91 13.52 10.16 -0.97
N LEU C 92 13.33 9.55 0.19
CA LEU C 92 14.42 8.90 0.90
C LEU C 92 14.19 7.49 1.41
N PRO C 93 15.08 6.55 1.07
CA PRO C 93 14.93 5.18 1.54
C PRO C 93 15.09 5.20 3.08
N GLU C 94 14.30 4.40 3.77
CA GLU C 94 14.34 4.37 5.24
C GLU C 94 15.66 3.96 5.88
N ASP C 95 16.54 3.29 5.14
CA ASP C 95 17.81 2.86 5.70
C ASP C 95 18.94 3.86 5.48
N LEU C 96 18.58 5.07 5.08
CA LEU C 96 19.55 6.12 4.85
C LEU C 96 19.99 6.70 6.19
N GLU C 97 21.27 7.03 6.35
CA GLU C 97 21.75 7.63 7.59
C GLU C 97 21.30 9.09 7.59
N GLU C 98 20.91 9.61 8.75
CA GLU C 98 20.45 10.99 8.81
C GLU C 98 21.47 12.01 8.31
N GLY C 99 22.75 11.71 8.52
CA GLY C 99 23.80 12.62 8.08
C GLY C 99 23.79 12.81 6.57
N PHE C 100 23.44 11.75 5.83
CA PHE C 100 23.37 11.85 4.39
C PHE C 100 22.34 12.91 3.99
N VAL C 101 21.21 12.92 4.69
CA VAL C 101 20.15 13.88 4.38
C VAL C 101 20.55 15.30 4.80
N LEU C 102 21.25 15.40 5.92
CA LEU C 102 21.69 16.71 6.40
C LEU C 102 22.64 17.31 5.38
N GLU C 103 23.46 16.48 4.76
CA GLU C 103 24.40 16.97 3.74
C GLU C 103 23.62 17.53 2.54
N LEU C 104 22.61 16.80 2.10
CA LEU C 104 21.78 17.23 0.97
C LEU C 104 21.21 18.61 1.21
N VAL C 105 20.63 18.82 2.37
CA VAL C 105 20.02 20.10 2.68
C VAL C 105 21.05 21.22 2.86
N ARG C 106 22.15 20.94 3.54
CA ARG C 106 23.20 21.95 3.74
C ARG C 106 23.79 22.35 2.40
N GLY C 107 23.96 21.37 1.51
CA GLY C 107 24.51 21.66 0.19
C GLY C 107 23.58 22.61 -0.56
N ALA C 108 22.29 22.33 -0.50
CA ALA C 108 21.29 23.17 -1.15
C ALA C 108 21.30 24.56 -0.49
N ALA C 109 21.35 24.60 0.83
CA ALA C 109 21.35 25.87 1.54
C ALA C 109 22.57 26.71 1.17
N GLU C 110 23.69 26.05 0.91
CA GLU C 110 24.94 26.73 0.55
C GLU C 110 24.79 27.40 -0.82
N ALA C 111 24.29 26.65 -1.78
CA ALA C 111 24.07 27.21 -3.12
C ALA C 111 23.11 28.40 -3.04
N ALA C 112 22.08 28.26 -2.20
CA ALA C 112 21.11 29.34 -2.05
C ALA C 112 21.77 30.57 -1.44
N LYS C 113 22.58 30.36 -0.42
CA LYS C 113 23.27 31.47 0.25
C LYS C 113 24.16 32.24 -0.71
N ARG C 114 24.87 31.51 -1.58
CA ARG C 114 25.76 32.15 -2.57
C ARG C 114 24.96 33.14 -3.43
N LEU C 115 23.66 32.90 -3.55
CA LEU C 115 22.80 33.77 -4.33
C LEU C 115 22.06 34.79 -3.47
N GLY C 116 22.27 34.75 -2.16
CA GLY C 116 21.59 35.68 -1.29
C GLY C 116 20.15 35.22 -1.14
N ALA C 117 19.95 33.93 -1.39
CA ALA C 117 18.63 33.33 -1.28
C ALA C 117 18.58 32.36 -0.09
N PHE C 118 17.41 31.82 0.18
CA PHE C 118 17.22 30.93 1.31
C PHE C 118 16.46 29.65 0.94
N LEU C 119 16.40 28.72 1.88
CA LEU C 119 15.65 27.48 1.70
C LEU C 119 14.39 27.81 2.49
N LEU C 120 13.23 27.54 1.91
CA LEU C 120 12.00 27.89 2.58
C LEU C 120 11.25 26.69 3.13
N GLY C 121 11.95 25.57 3.21
CA GLY C 121 11.35 24.36 3.73
C GLY C 121 11.28 23.31 2.65
N GLY C 122 10.28 22.44 2.76
CA GLY C 122 10.12 21.39 1.79
C GLY C 122 9.33 20.24 2.36
N ASP C 123 9.60 19.04 1.87
CA ASP C 123 8.90 17.85 2.32
C ASP C 123 9.81 16.65 2.12
N THR C 124 9.58 15.59 2.90
CA THR C 124 10.37 14.38 2.77
C THR C 124 9.39 13.22 2.73
N ASN C 125 9.74 12.18 1.99
CA ASN C 125 8.89 11.01 1.86
C ASN C 125 9.75 9.78 1.65
N ARG C 126 9.21 8.61 1.99
CA ARG C 126 9.96 7.38 1.79
C ARG C 126 9.99 7.07 0.30
N GLY C 127 11.06 6.43 -0.14
CA GLY C 127 11.20 6.08 -1.53
C GLY C 127 12.14 4.90 -1.68
N VAL C 128 12.16 4.28 -2.86
CA VAL C 128 13.03 3.13 -3.09
C VAL C 128 14.45 3.61 -3.36
N GLU C 129 14.54 4.82 -3.90
CA GLU C 129 15.82 5.41 -4.25
C GLU C 129 15.83 6.89 -3.90
N VAL C 130 17.01 7.44 -3.68
CA VAL C 130 17.10 8.86 -3.37
C VAL C 130 16.73 9.66 -4.60
N ALA C 131 15.70 10.49 -4.46
CA ALA C 131 15.25 11.35 -5.54
C ALA C 131 14.96 12.72 -4.93
N LEU C 132 15.26 13.75 -5.69
CA LEU C 132 15.08 15.11 -5.20
C LEU C 132 14.53 16.06 -6.25
N THR C 133 13.70 16.99 -5.81
CA THR C 133 13.19 18.04 -6.69
C THR C 133 13.46 19.32 -5.93
N VAL C 134 13.93 20.33 -6.67
CA VAL C 134 14.18 21.63 -6.07
C VAL C 134 13.31 22.62 -6.80
N SER C 135 12.50 23.34 -6.05
CA SER C 135 11.64 24.35 -6.66
C SER C 135 12.11 25.71 -6.20
N GLY C 136 12.00 26.70 -7.06
CA GLY C 136 12.41 28.03 -6.68
C GLY C 136 11.59 29.11 -7.35
N TYR C 137 11.48 30.25 -6.69
CA TYR C 137 10.76 31.35 -7.29
C TYR C 137 11.71 32.53 -7.40
N ALA C 138 11.38 33.44 -8.30
CA ALA C 138 12.23 34.60 -8.54
C ALA C 138 11.43 35.80 -8.98
N LEU C 139 11.96 36.98 -8.68
CA LEU C 139 11.33 38.23 -9.07
C LEU C 139 12.07 38.78 -10.27
N ALA C 140 11.38 38.87 -11.41
CA ALA C 140 11.99 39.39 -12.63
C ALA C 140 11.39 40.73 -13.02
N GLU C 141 12.22 41.76 -13.04
CA GLU C 141 11.76 43.09 -13.43
C GLU C 141 11.46 43.12 -14.93
N ALA C 142 12.27 42.40 -15.71
CA ALA C 142 12.10 42.33 -17.15
C ALA C 142 12.32 40.88 -17.60
N PRO C 143 11.27 40.06 -17.47
CA PRO C 143 11.36 38.65 -17.86
C PRO C 143 11.87 38.52 -19.29
N LEU C 144 12.78 37.57 -19.49
CA LEU C 144 13.41 37.34 -20.79
C LEU C 144 12.97 35.99 -21.35
N PRO C 145 12.05 36.00 -22.32
CA PRO C 145 11.55 34.75 -22.91
C PRO C 145 12.52 34.23 -23.96
N ARG C 146 12.29 33.00 -24.40
CA ARG C 146 13.10 32.48 -25.48
C ARG C 146 12.43 33.10 -26.71
N LYS C 147 13.17 33.95 -27.39
CA LYS C 147 12.68 34.71 -28.53
C LYS C 147 13.89 35.01 -29.42
N ALA C 148 13.67 35.13 -30.73
CA ALA C 148 14.77 35.41 -31.65
C ALA C 148 14.32 35.91 -33.01
N LEU C 149 15.05 36.89 -33.54
CA LEU C 149 14.76 37.49 -34.85
C LEU C 149 15.99 37.37 -35.75
N PRO C 150 15.79 37.08 -37.04
CA PRO C 150 16.89 36.96 -38.01
C PRO C 150 17.76 38.21 -37.92
N GLY C 151 19.07 38.02 -37.83
CA GLY C 151 19.97 39.16 -37.70
C GLY C 151 20.49 39.27 -36.28
N ASP C 152 19.79 38.67 -35.31
CA ASP C 152 20.23 38.72 -33.92
C ASP C 152 21.51 37.91 -33.75
N LEU C 153 22.33 38.31 -32.78
CA LEU C 153 23.58 37.62 -32.53
C LEU C 153 23.44 36.61 -31.39
N LEU C 154 24.19 35.51 -31.50
CA LEU C 154 24.15 34.48 -30.48
C LEU C 154 25.40 34.49 -29.62
N TYR C 155 25.20 34.64 -28.31
CA TYR C 155 26.29 34.65 -27.34
C TYR C 155 26.13 33.54 -26.30
N LEU C 156 27.27 33.07 -25.80
CA LEU C 156 27.29 32.04 -24.76
C LEU C 156 27.82 32.70 -23.49
N ALA C 157 27.06 32.65 -22.41
CA ALA C 157 27.51 33.27 -21.17
C ALA C 157 28.16 32.23 -20.26
N GLY C 158 29.07 32.67 -19.40
CA GLY C 158 29.68 31.73 -18.48
C GLY C 158 30.82 30.92 -19.06
N ASP C 159 31.36 30.02 -18.25
CA ASP C 159 32.50 29.23 -18.70
C ASP C 159 32.48 27.73 -18.42
N ARG C 160 31.30 27.15 -18.21
CA ARG C 160 31.25 25.71 -17.95
C ARG C 160 31.18 24.89 -19.24
N TRP C 161 31.09 25.59 -20.37
CA TRP C 161 31.00 24.93 -21.69
C TRP C 161 32.12 23.92 -21.91
N GLY C 162 31.73 22.69 -22.23
CA GLY C 162 32.70 21.64 -22.45
C GLY C 162 33.24 20.98 -21.18
N ARG C 163 33.25 21.72 -20.09
CA ARG C 163 33.76 21.20 -18.83
C ARG C 163 32.81 20.21 -18.13
N THR C 164 31.52 20.53 -18.10
CA THR C 164 30.59 19.60 -17.47
C THR C 164 30.59 18.32 -18.28
N GLY C 165 30.70 18.46 -19.60
CA GLY C 165 30.71 17.29 -20.47
C GLY C 165 31.98 16.46 -20.23
N ALA C 166 33.09 17.14 -19.99
CA ALA C 166 34.35 16.46 -19.72
C ALA C 166 34.26 15.68 -18.41
N ALA C 167 33.68 16.29 -17.39
CA ALA C 167 33.53 15.65 -16.09
C ALA C 167 32.71 14.37 -16.20
N ILE C 168 31.60 14.45 -16.94
CA ILE C 168 30.74 13.31 -17.15
C ILE C 168 31.48 12.20 -17.89
N ARG C 169 32.21 12.56 -18.93
CA ARG C 169 32.99 11.60 -19.71
C ARG C 169 34.06 10.96 -18.81
N ALA C 170 34.68 11.76 -17.94
CA ALA C 170 35.70 11.25 -17.04
C ALA C 170 35.10 10.18 -16.13
N HIS C 171 33.92 10.48 -15.61
CA HIS C 171 33.23 9.56 -14.71
C HIS C 171 32.94 8.25 -15.41
N TYR C 172 32.47 8.34 -16.66
CA TYR C 172 32.15 7.17 -17.46
C TYR C 172 33.38 6.31 -17.70
N GLU C 173 34.48 6.95 -18.07
CA GLU C 173 35.73 6.25 -18.36
C GLU C 173 36.58 5.91 -17.13
N GLY C 174 36.10 6.28 -15.95
CA GLY C 174 36.86 5.99 -14.74
C GLY C 174 38.17 6.76 -14.76
N ARG C 175 38.14 7.92 -15.39
CA ARG C 175 39.33 8.75 -15.51
C ARG C 175 39.43 9.83 -14.42
N SER C 176 40.63 9.98 -13.86
CA SER C 176 40.86 10.96 -12.80
C SER C 176 40.82 12.42 -13.27
N LEU C 177 40.27 13.30 -12.45
CA LEU C 177 40.23 14.72 -12.80
C LEU C 177 41.38 15.47 -12.12
N GLU C 178 42.36 14.72 -11.62
CA GLU C 178 43.53 15.35 -10.99
C GLU C 178 44.29 16.08 -12.10
N GLY C 179 44.40 17.39 -11.97
CA GLY C 179 45.08 18.18 -12.98
C GLY C 179 44.08 18.98 -13.80
N PHE C 180 42.78 18.75 -13.54
CA PHE C 180 41.69 19.45 -14.23
C PHE C 180 40.73 20.03 -13.19
N PRO C 181 41.24 20.93 -12.34
CA PRO C 181 40.41 21.55 -11.30
C PRO C 181 39.19 22.35 -11.74
N LYS C 182 39.24 22.97 -12.91
CA LYS C 182 38.10 23.76 -13.39
C LYS C 182 36.99 22.87 -13.90
N ILE C 183 37.36 21.72 -14.44
CA ILE C 183 36.40 20.75 -14.94
C ILE C 183 35.71 20.17 -13.71
N ARG C 184 36.48 19.86 -12.68
CA ARG C 184 35.91 19.30 -11.46
C ARG C 184 34.96 20.30 -10.81
N GLU C 185 35.36 21.57 -10.74
CA GLU C 185 34.51 22.59 -10.13
C GLU C 185 33.20 22.78 -10.89
N ALA C 186 33.25 22.63 -12.21
CA ALA C 186 32.05 22.79 -13.04
C ALA C 186 31.01 21.71 -12.71
N ALA C 187 31.49 20.56 -12.28
CA ALA C 187 30.60 19.45 -11.93
C ALA C 187 30.20 19.47 -10.45
N PHE C 188 31.16 19.79 -9.59
CA PHE C 188 30.90 19.79 -8.15
C PHE C 188 30.13 20.99 -7.63
N TYR C 189 30.58 22.20 -8.01
CA TYR C 189 29.94 23.42 -7.55
C TYR C 189 29.65 24.41 -8.65
N PRO C 190 28.80 24.05 -9.62
CA PRO C 190 28.52 25.01 -10.68
C PRO C 190 27.88 26.26 -10.07
N LEU C 191 28.69 27.26 -9.74
CA LEU C 191 28.16 28.47 -9.14
C LEU C 191 27.09 29.12 -10.00
N PRO C 192 25.90 29.33 -9.44
CA PRO C 192 24.83 29.97 -10.22
C PRO C 192 25.29 31.41 -10.53
N ARG C 193 25.16 31.80 -11.79
CA ARG C 193 25.63 33.10 -12.29
C ARG C 193 24.74 34.34 -12.15
N LEU C 194 24.78 34.96 -10.97
CA LEU C 194 24.00 36.15 -10.66
C LEU C 194 24.26 37.32 -11.58
N GLU C 195 25.49 37.41 -12.09
CA GLU C 195 25.85 38.51 -12.97
C GLU C 195 24.99 38.58 -14.22
N LEU C 196 24.30 37.49 -14.56
CA LEU C 196 23.43 37.52 -15.74
C LEU C 196 22.46 38.68 -15.65
N LEU C 197 22.03 38.98 -14.43
CA LEU C 197 21.07 40.06 -14.20
C LEU C 197 21.57 41.42 -14.68
N ALA C 198 22.87 41.55 -14.85
CA ALA C 198 23.45 42.80 -15.32
C ALA C 198 22.93 43.12 -16.72
N LEU C 199 22.50 42.08 -17.43
CA LEU C 199 21.98 42.26 -18.78
C LEU C 199 20.47 42.40 -18.83
N SER C 200 19.84 42.56 -17.67
CA SER C 200 18.39 42.69 -17.63
C SER C 200 17.91 43.83 -18.53
N GLY C 201 16.87 43.53 -19.32
CA GLY C 201 16.27 44.51 -20.21
C GLY C 201 17.03 44.86 -21.49
N LEU C 202 18.12 44.16 -21.76
CA LEU C 202 18.92 44.45 -22.95
C LEU C 202 18.86 43.42 -24.07
N LEU C 203 18.50 42.20 -23.73
CA LEU C 203 18.49 41.11 -24.71
C LEU C 203 17.14 40.82 -25.34
N ARG C 204 17.19 40.15 -26.49
CA ARG C 204 15.98 39.74 -27.21
C ARG C 204 15.42 38.49 -26.54
N GLY C 205 16.31 37.54 -26.23
CA GLY C 205 15.87 36.30 -25.62
C GLY C 205 17.01 35.47 -25.06
N SER C 206 16.67 34.31 -24.51
CA SER C 206 17.66 33.43 -23.92
C SER C 206 17.08 32.03 -23.71
N LEU C 207 17.98 31.08 -23.50
CA LEU C 207 17.63 29.70 -23.20
C LEU C 207 18.75 29.22 -22.27
N ASP C 208 18.42 28.38 -21.32
CA ASP C 208 19.43 27.85 -20.43
C ASP C 208 19.80 26.49 -20.97
N SER C 209 21.10 26.20 -21.03
CA SER C 209 21.55 24.92 -21.53
C SER C 209 21.70 23.95 -20.38
N SER C 210 20.64 23.17 -20.14
CA SER C 210 20.66 22.19 -19.06
C SER C 210 20.89 20.80 -19.62
N ASP C 211 20.52 20.63 -20.90
CA ASP C 211 20.65 19.34 -21.55
C ASP C 211 21.62 19.24 -22.72
N GLY C 212 22.55 20.20 -22.83
CA GLY C 212 23.51 20.14 -23.91
C GLY C 212 23.32 21.30 -24.87
N LEU C 213 24.43 21.88 -25.33
CA LEU C 213 24.37 23.03 -26.21
C LEU C 213 23.67 22.78 -27.55
N ALA C 214 24.00 21.68 -28.22
CA ALA C 214 23.34 21.42 -29.51
C ALA C 214 21.83 21.33 -29.29
N GLU C 215 21.42 20.60 -28.26
CA GLU C 215 20.00 20.45 -27.94
C GLU C 215 19.37 21.83 -27.71
N THR C 216 20.07 22.67 -26.95
CA THR C 216 19.59 24.02 -26.68
C THR C 216 19.47 24.86 -27.96
N LEU C 217 20.44 24.72 -28.85
CA LEU C 217 20.42 25.47 -30.12
C LEU C 217 19.24 25.03 -30.99
N TRP C 218 18.89 23.75 -30.92
CA TRP C 218 17.76 23.25 -31.70
C TRP C 218 16.45 23.74 -31.11
N GLN C 219 16.44 23.93 -29.79
CA GLN C 219 15.25 24.44 -29.13
C GLN C 219 15.08 25.89 -29.61
N LEU C 220 16.19 26.57 -29.82
CA LEU C 220 16.16 27.95 -30.31
C LEU C 220 15.64 27.94 -31.74
N ALA C 221 16.17 27.04 -32.56
CA ALA C 221 15.74 26.95 -33.96
C ALA C 221 14.26 26.56 -34.04
N ASP C 222 13.81 25.77 -33.07
CA ASP C 222 12.41 25.33 -33.06
C ASP C 222 11.44 26.48 -32.81
N LEU C 223 11.98 27.66 -32.50
CA LEU C 223 11.14 28.83 -32.30
C LEU C 223 10.73 29.40 -33.67
N GLY C 224 11.31 28.84 -34.72
CA GLY C 224 11.02 29.31 -36.06
C GLY C 224 12.16 30.06 -36.74
N VAL C 225 13.40 29.63 -36.51
CA VAL C 225 14.55 30.31 -37.13
C VAL C 225 15.70 29.36 -37.42
N GLY C 226 16.69 29.86 -38.15
CA GLY C 226 17.87 29.07 -38.45
C GLY C 226 18.97 29.53 -37.51
N VAL C 227 19.91 28.65 -37.19
CA VAL C 227 21.00 29.00 -36.28
C VAL C 227 22.36 28.72 -36.92
N GLU C 228 23.20 29.74 -37.02
CA GLU C 228 24.52 29.55 -37.60
C GLU C 228 25.59 29.76 -36.53
N VAL C 229 26.27 28.69 -36.15
CA VAL C 229 27.32 28.80 -35.14
C VAL C 229 28.61 29.05 -35.92
N GLU C 230 29.26 30.17 -35.64
CA GLU C 230 30.50 30.55 -36.32
C GLU C 230 31.73 30.18 -35.51
N ALA C 231 31.58 30.11 -34.19
CA ALA C 231 32.70 29.77 -33.32
C ALA C 231 32.20 29.26 -31.96
N LEU C 232 33.03 28.44 -31.33
CA LEU C 232 32.71 27.86 -30.02
C LEU C 232 33.95 27.95 -29.12
N PRO C 233 33.75 28.19 -27.81
CA PRO C 233 34.88 28.29 -26.90
C PRO C 233 35.43 26.91 -26.49
N LEU C 234 36.68 26.65 -26.85
CA LEU C 234 37.32 25.39 -26.51
C LEU C 234 38.41 25.71 -25.50
N TYR C 235 38.08 25.63 -24.21
CA TYR C 235 39.03 25.96 -23.16
C TYR C 235 40.23 25.03 -23.18
N PRO C 236 41.41 25.55 -22.79
CA PRO C 236 42.65 24.78 -22.76
C PRO C 236 42.55 23.45 -22.02
N ASP C 237 41.89 23.45 -20.86
CA ASP C 237 41.75 22.21 -20.10
C ASP C 237 40.84 21.21 -20.80
N VAL C 238 39.80 21.70 -21.47
CA VAL C 238 38.89 20.82 -22.20
C VAL C 238 39.66 20.19 -23.37
N LEU C 239 40.44 21.00 -24.09
CA LEU C 239 41.22 20.50 -25.21
C LEU C 239 42.24 19.45 -24.73
N ALA C 240 42.92 19.73 -23.62
CA ALA C 240 43.91 18.82 -23.06
C ALA C 240 43.26 17.50 -22.66
N PHE C 241 42.12 17.59 -21.97
CA PHE C 241 41.41 16.40 -21.54
C PHE C 241 40.94 15.60 -22.74
N ALA C 242 40.35 16.28 -23.71
CA ALA C 242 39.81 15.63 -24.89
C ALA C 242 40.84 14.94 -25.78
N GLY C 243 41.97 15.60 -26.02
CA GLY C 243 42.99 15.02 -26.87
C GLY C 243 42.99 15.58 -28.28
N SER C 244 41.87 16.18 -28.69
CA SER C 244 41.77 16.75 -30.03
C SER C 244 40.62 17.75 -30.13
N GLU C 245 40.63 18.53 -31.21
CA GLU C 245 39.59 19.53 -31.44
C GLU C 245 38.25 18.82 -31.57
N GLU C 246 38.24 17.74 -32.33
CA GLU C 246 37.03 16.96 -32.57
C GLU C 246 36.42 16.48 -31.25
N ALA C 247 37.21 15.77 -30.46
CA ALA C 247 36.77 15.26 -29.18
C ALA C 247 36.31 16.39 -28.27
N ALA C 248 36.99 17.53 -28.33
CA ALA C 248 36.62 18.68 -27.51
C ALA C 248 35.26 19.26 -27.94
N LEU C 249 35.05 19.38 -29.25
CA LEU C 249 33.78 19.93 -29.75
C LEU C 249 32.61 19.05 -29.33
N GLU C 250 32.83 17.75 -29.31
CA GLU C 250 31.78 16.82 -28.93
C GLU C 250 31.38 17.05 -27.46
N LEU C 251 32.38 17.30 -26.60
CA LEU C 251 32.11 17.57 -25.19
C LEU C 251 31.38 18.90 -25.03
N VAL C 252 31.72 19.87 -25.87
CA VAL C 252 31.10 21.18 -25.81
C VAL C 252 29.66 21.15 -26.35
N LEU C 253 29.44 20.41 -27.43
CA LEU C 253 28.12 20.34 -28.04
C LEU C 253 27.18 19.30 -27.48
N TYR C 254 27.72 18.17 -27.05
CA TYR C 254 26.89 17.10 -26.52
C TYR C 254 27.29 16.71 -25.09
N GLY C 255 27.56 17.71 -24.27
CA GLY C 255 27.93 17.44 -22.89
C GLY C 255 26.72 17.38 -21.98
N GLY C 256 26.18 18.53 -21.65
CA GLY C 256 25.02 18.60 -20.80
C GLY C 256 25.33 19.05 -19.38
N GLU C 257 24.29 19.49 -18.69
CA GLU C 257 24.42 19.94 -17.31
C GLU C 257 25.26 21.20 -17.16
N GLU C 258 25.45 21.94 -18.26
CA GLU C 258 26.25 23.17 -18.20
C GLU C 258 25.57 24.22 -17.33
N PHE C 259 24.27 24.37 -17.51
CA PHE C 259 23.50 25.39 -16.79
C PHE C 259 24.11 26.77 -17.00
N GLU C 260 24.38 27.06 -18.27
CA GLU C 260 24.93 28.34 -18.72
C GLU C 260 23.93 28.79 -19.78
N ALA C 261 23.72 30.09 -19.87
CA ALA C 261 22.76 30.64 -20.81
C ALA C 261 23.23 30.91 -22.23
N VAL C 262 22.34 30.65 -23.18
CA VAL C 262 22.59 30.95 -24.59
C VAL C 262 21.81 32.25 -24.71
N LEU C 263 22.46 33.32 -25.13
CA LEU C 263 21.82 34.63 -25.23
C LEU C 263 21.60 35.11 -26.66
N VAL C 264 20.44 35.71 -26.88
CA VAL C 264 20.08 36.24 -28.20
C VAL C 264 20.16 37.76 -28.05
N VAL C 265 21.15 38.36 -28.71
CA VAL C 265 21.42 39.79 -28.60
C VAL C 265 21.18 40.54 -29.90
N PRO C 266 20.42 41.66 -29.83
CA PRO C 266 20.15 42.44 -31.03
C PRO C 266 21.47 43.06 -31.52
N GLN C 267 21.68 43.07 -32.83
CA GLN C 267 22.90 43.64 -33.41
C GLN C 267 23.20 45.03 -32.87
N GLU C 268 22.17 45.88 -32.86
CA GLU C 268 22.31 47.24 -32.40
C GLU C 268 22.71 47.38 -30.93
N GLY C 269 22.44 46.36 -30.12
CA GLY C 269 22.78 46.47 -28.71
C GLY C 269 23.97 45.65 -28.24
N ALA C 270 24.57 44.91 -29.16
CA ALA C 270 25.70 44.04 -28.82
C ALA C 270 26.92 44.73 -28.19
N ALA C 271 27.35 45.87 -28.75
CA ALA C 271 28.51 46.56 -28.20
C ALA C 271 28.26 46.90 -26.73
N ALA C 272 27.07 47.41 -26.46
CA ALA C 272 26.68 47.79 -25.10
C ALA C 272 26.60 46.58 -24.17
N VAL C 273 26.08 45.47 -24.70
CA VAL C 273 25.95 44.24 -23.92
C VAL C 273 27.31 43.71 -23.48
N GLU C 274 28.26 43.64 -24.41
CA GLU C 274 29.61 43.16 -24.10
C GLU C 274 30.27 44.07 -23.06
N ALA C 275 30.06 45.38 -23.20
CA ALA C 275 30.65 46.34 -22.26
C ALA C 275 30.06 46.14 -20.87
N ARG C 276 28.74 45.98 -20.83
CA ARG C 276 28.04 45.76 -19.58
C ARG C 276 28.51 44.45 -18.91
N ALA C 277 28.59 43.38 -19.70
CA ALA C 277 29.03 42.09 -19.14
C ALA C 277 30.45 42.19 -18.56
N LYS C 278 31.34 42.84 -19.31
CA LYS C 278 32.73 43.01 -18.85
C LYS C 278 32.79 43.80 -17.55
N ALA C 279 32.02 44.89 -17.48
CA ALA C 279 32.01 45.72 -16.29
C ALA C 279 31.47 45.00 -15.05
N LYS C 280 30.54 44.06 -15.26
CA LYS C 280 29.95 43.34 -14.14
C LYS C 280 30.45 41.93 -13.88
N GLY C 281 31.51 41.53 -14.57
CA GLY C 281 32.08 40.21 -14.35
C GLY C 281 31.34 39.01 -14.92
N LEU C 282 30.68 39.19 -16.05
CA LEU C 282 29.96 38.09 -16.69
C LEU C 282 30.71 37.61 -17.92
N PRO C 283 31.26 36.39 -17.88
CA PRO C 283 31.98 35.85 -19.05
C PRO C 283 31.00 35.83 -20.23
N LEU C 284 31.45 36.30 -21.39
CA LEU C 284 30.58 36.35 -22.56
C LEU C 284 31.36 35.96 -23.80
N PHE C 285 30.76 35.18 -24.69
CA PHE C 285 31.44 34.75 -25.92
C PHE C 285 30.51 34.82 -27.13
N ARG C 286 30.94 35.51 -28.18
CA ARG C 286 30.12 35.62 -29.40
C ARG C 286 30.31 34.37 -30.23
N ALA C 287 29.26 33.57 -30.39
CA ALA C 287 29.36 32.32 -31.12
C ALA C 287 28.73 32.21 -32.52
N GLY C 288 27.82 33.12 -32.85
CA GLY C 288 27.19 33.04 -34.15
C GLY C 288 26.03 33.99 -34.33
N ARG C 289 25.03 33.56 -35.09
CA ARG C 289 23.89 34.44 -35.32
C ARG C 289 22.62 33.69 -35.70
N VAL C 290 21.51 34.40 -35.61
CA VAL C 290 20.19 33.88 -35.97
C VAL C 290 19.93 34.33 -37.41
N VAL C 291 19.36 33.45 -38.23
CA VAL C 291 19.05 33.78 -39.63
C VAL C 291 17.63 33.27 -39.92
N ALA C 292 17.05 33.72 -41.02
CA ALA C 292 15.70 33.28 -41.37
C ALA C 292 15.78 31.87 -41.95
N GLY C 293 14.75 31.08 -41.71
CA GLY C 293 14.74 29.73 -42.24
C GLY C 293 14.65 28.70 -41.13
N GLU C 294 15.46 27.65 -41.21
CA GLU C 294 15.43 26.61 -40.19
C GLU C 294 16.73 25.82 -40.09
N GLY C 295 16.80 25.03 -39.03
CA GLY C 295 17.96 24.17 -38.79
C GLY C 295 19.12 24.86 -38.11
N VAL C 296 20.01 24.05 -37.56
CA VAL C 296 21.20 24.53 -36.88
C VAL C 296 22.43 24.09 -37.67
N TYR C 297 23.36 25.01 -37.85
CA TYR C 297 24.58 24.72 -38.62
C TYR C 297 25.82 25.17 -37.87
N LEU C 298 26.89 24.41 -38.04
CA LEU C 298 28.17 24.73 -37.42
C LEU C 298 29.09 25.06 -38.59
N ARG C 299 29.38 26.34 -38.76
CA ARG C 299 30.23 26.79 -39.85
C ARG C 299 29.76 26.27 -41.21
N GLY C 300 28.45 26.27 -41.42
CA GLY C 300 27.89 25.81 -42.68
C GLY C 300 27.41 24.37 -42.74
N ALA C 301 27.90 23.53 -41.82
CA ALA C 301 27.52 22.13 -41.80
C ALA C 301 26.37 21.85 -40.83
N PRO C 302 25.35 21.12 -41.27
CA PRO C 302 24.22 20.79 -40.40
C PRO C 302 24.71 20.21 -39.09
N LEU C 303 24.16 20.68 -37.98
CA LEU C 303 24.56 20.18 -36.66
C LEU C 303 23.51 19.23 -36.11
N PRO C 304 23.84 17.93 -36.04
CA PRO C 304 22.91 16.92 -35.51
C PRO C 304 22.41 17.29 -34.13
N ARG C 305 21.12 17.06 -33.90
CA ARG C 305 20.53 17.39 -32.61
C ARG C 305 20.97 16.44 -31.50
N ARG D 2 -16.58 -45.43 18.74
CA ARG D 2 -17.25 -44.12 18.48
C ARG D 2 -16.42 -42.97 19.06
N LEU D 3 -16.63 -41.77 18.52
CA LEU D 3 -15.90 -40.60 18.97
C LEU D 3 -16.30 -40.21 20.39
N LYS D 4 -17.59 -40.29 20.66
CA LYS D 4 -18.14 -39.94 21.98
C LYS D 4 -17.47 -40.67 23.13
N ASP D 5 -16.60 -41.63 22.80
CA ASP D 5 -15.90 -42.40 23.82
C ASP D 5 -14.38 -42.32 23.64
N LEU D 6 -13.94 -42.14 22.40
CA LEU D 6 -12.53 -42.07 22.07
C LEU D 6 -11.83 -40.86 22.70
N GLY D 7 -12.35 -39.65 22.42
CA GLY D 7 -11.76 -38.45 22.96
C GLY D 7 -11.00 -37.62 21.93
N GLU D 8 -11.09 -36.30 22.06
CA GLU D 8 -10.41 -35.39 21.14
C GLU D 8 -8.90 -35.60 21.13
N ARG D 9 -8.32 -35.78 22.31
CA ARG D 9 -6.88 -35.99 22.44
C ARG D 9 -6.38 -37.18 21.63
N ALA D 10 -6.98 -38.35 21.87
CA ALA D 10 -6.59 -39.56 21.17
C ALA D 10 -6.87 -39.50 19.66
N LEU D 11 -7.97 -38.87 19.29
CA LEU D 11 -8.31 -38.74 17.88
C LEU D 11 -7.25 -37.91 17.19
N LEU D 12 -6.98 -36.73 17.75
CA LEU D 12 -5.98 -35.84 17.19
C LEU D 12 -4.64 -36.56 17.11
N ALA D 13 -4.35 -37.37 18.12
CA ALA D 13 -3.11 -38.12 18.16
C ALA D 13 -2.98 -39.09 16.98
N ARG D 14 -4.10 -39.66 16.56
CA ARG D 14 -4.09 -40.59 15.44
C ARG D 14 -4.05 -39.86 14.09
N LEU D 15 -4.89 -38.85 13.95
CA LEU D 15 -4.97 -38.08 12.71
C LEU D 15 -3.71 -37.25 12.44
N ALA D 16 -3.22 -36.57 13.46
CA ALA D 16 -2.04 -35.70 13.36
C ALA D 16 -0.93 -36.08 12.37
N PRO D 17 -0.51 -37.35 12.36
CA PRO D 17 0.56 -37.76 11.44
C PRO D 17 0.15 -38.01 10.00
N LEU D 18 -1.15 -38.18 9.75
CA LEU D 18 -1.66 -38.46 8.41
C LEU D 18 -1.35 -37.37 7.38
N GLY D 19 -0.67 -37.77 6.32
CA GLY D 19 -0.31 -36.84 5.25
C GLY D 19 0.71 -35.79 5.63
N TYR D 20 1.24 -35.87 6.85
CA TYR D 20 2.22 -34.89 7.31
C TYR D 20 3.59 -35.08 6.65
N PRO D 21 4.29 -33.98 6.33
CA PRO D 21 5.61 -34.03 5.70
C PRO D 21 6.69 -34.63 6.60
N PRO D 22 7.39 -35.67 6.12
CA PRO D 22 8.46 -36.33 6.88
C PRO D 22 9.60 -35.37 7.20
N GLU D 23 9.75 -34.34 6.37
CA GLU D 23 10.78 -33.33 6.56
C GLU D 23 10.06 -31.99 6.60
N ALA D 24 9.85 -31.45 7.79
CA ALA D 24 9.13 -30.18 7.92
C ALA D 24 9.67 -29.29 9.03
N PRO D 25 9.34 -27.99 9.00
CA PRO D 25 9.79 -27.03 10.00
C PRO D 25 9.16 -27.25 11.37
N LEU D 26 8.17 -28.14 11.41
CA LEU D 26 7.48 -28.46 12.65
C LEU D 26 7.12 -29.94 12.64
N PRO D 27 7.11 -30.59 13.81
CA PRO D 27 6.78 -32.00 13.90
C PRO D 27 5.27 -32.23 13.83
N PRO D 28 4.85 -33.47 13.60
CA PRO D 28 3.41 -33.77 13.52
C PRO D 28 2.73 -33.40 14.84
N GLY D 29 1.47 -33.00 14.75
CA GLY D 29 0.69 -32.66 15.94
C GLY D 29 1.13 -31.46 16.77
N ASP D 30 1.75 -30.46 16.14
CA ASP D 30 2.16 -29.28 16.88
C ASP D 30 1.03 -28.24 16.82
N ASP D 31 1.28 -27.05 17.33
CA ASP D 31 0.27 -25.98 17.34
C ASP D 31 -0.07 -25.48 15.94
N ALA D 32 0.65 -26.00 14.95
CA ALA D 32 0.44 -25.65 13.56
C ALA D 32 1.30 -26.58 12.73
N GLY D 33 1.10 -26.54 11.41
CA GLY D 33 1.87 -27.38 10.52
C GLY D 33 2.59 -26.48 9.55
N GLY D 34 3.38 -27.06 8.65
CA GLY D 34 4.10 -26.25 7.69
C GLY D 34 5.09 -27.04 6.87
N VAL D 35 5.65 -26.40 5.86
CA VAL D 35 6.64 -27.04 5.00
C VAL D 35 7.78 -26.09 4.70
N TRP D 36 8.80 -26.61 4.04
CA TRP D 36 9.93 -25.78 3.65
C TRP D 36 9.67 -25.30 2.23
N ALA D 37 9.61 -23.99 2.05
CA ALA D 37 9.36 -23.40 0.74
C ALA D 37 10.37 -22.28 0.44
N GLU D 38 11.17 -22.50 -0.59
CA GLU D 38 12.18 -21.53 -0.99
C GLU D 38 13.10 -21.13 0.17
N GLY D 39 13.49 -22.11 0.97
CA GLY D 39 14.36 -21.87 2.10
C GLY D 39 13.73 -21.30 3.36
N ARG D 40 12.43 -21.04 3.32
CA ARG D 40 11.75 -20.48 4.49
C ARG D 40 10.65 -21.41 5.01
N ALA D 41 10.20 -21.15 6.23
CA ALA D 41 9.15 -21.95 6.86
C ALA D 41 7.77 -21.31 6.73
N TRP D 42 6.89 -21.97 5.99
CA TRP D 42 5.54 -21.47 5.80
C TRP D 42 4.57 -22.32 6.62
N LEU D 43 3.95 -21.70 7.61
CA LEU D 43 3.04 -22.40 8.50
C LEU D 43 1.57 -22.23 8.12
N LEU D 44 0.81 -23.32 8.24
CA LEU D 44 -0.61 -23.29 7.94
C LEU D 44 -1.38 -23.85 9.14
N LYS D 45 -2.42 -23.16 9.56
CA LYS D 45 -3.23 -23.59 10.70
C LYS D 45 -4.73 -23.35 10.51
N THR D 46 -5.54 -24.29 10.98
CA THR D 46 -6.99 -24.17 10.89
C THR D 46 -7.65 -24.46 12.24
N ASP D 47 -8.51 -23.55 12.70
CA ASP D 47 -9.23 -23.73 13.95
C ASP D 47 -10.72 -23.60 13.64
N GLY D 48 -11.52 -24.48 14.21
CA GLY D 48 -12.96 -24.43 13.99
C GLY D 48 -13.70 -23.94 15.21
N PHE D 49 -14.90 -23.39 15.01
CA PHE D 49 -15.70 -22.87 16.11
C PHE D 49 -17.21 -23.01 15.84
N LEU D 50 -17.96 -23.50 16.83
CA LEU D 50 -19.42 -23.59 16.72
C LEU D 50 -19.90 -22.31 17.41
N TYR D 51 -20.61 -21.47 16.69
CA TYR D 51 -21.09 -20.21 17.25
C TYR D 51 -21.64 -20.31 18.67
N ARG D 52 -22.59 -21.20 18.89
CA ARG D 52 -23.18 -21.32 20.22
C ARG D 52 -22.23 -21.80 21.31
N GLU D 53 -21.08 -22.32 20.94
CA GLU D 53 -20.12 -22.79 21.93
C GLU D 53 -19.12 -21.71 22.32
N VAL D 54 -19.02 -20.65 21.52
CA VAL D 54 -18.08 -19.58 21.81
C VAL D 54 -18.74 -18.26 22.17
N ALA D 55 -20.02 -18.12 21.87
CA ALA D 55 -20.72 -16.88 22.17
C ALA D 55 -21.22 -16.78 23.60
N LEU D 56 -20.45 -16.11 24.46
CA LEU D 56 -20.87 -15.94 25.85
C LEU D 56 -21.86 -14.78 25.86
N LYS D 57 -22.63 -14.66 26.94
CA LYS D 57 -23.61 -13.59 27.03
C LYS D 57 -22.97 -12.25 26.71
N GLY D 58 -23.66 -11.44 25.92
CA GLY D 58 -23.14 -10.13 25.57
C GLY D 58 -22.33 -10.15 24.29
N MET D 59 -21.98 -11.34 23.82
CA MET D 59 -21.19 -11.47 22.61
C MET D 59 -22.08 -11.62 21.38
N GLY D 60 -21.67 -10.99 20.29
CA GLY D 60 -22.43 -11.08 19.06
C GLY D 60 -21.55 -11.60 17.95
N PRO D 61 -22.04 -11.55 16.70
CA PRO D 61 -21.30 -12.01 15.52
C PRO D 61 -19.92 -11.39 15.40
N PHE D 62 -19.82 -10.10 15.68
CA PHE D 62 -18.55 -9.39 15.59
C PHE D 62 -17.48 -10.02 16.48
N GLU D 63 -17.83 -10.28 17.73
CA GLU D 63 -16.88 -10.88 18.67
C GLU D 63 -16.52 -12.31 18.28
N VAL D 64 -17.50 -13.07 17.80
CA VAL D 64 -17.23 -14.45 17.40
C VAL D 64 -16.28 -14.48 16.20
N GLY D 65 -16.47 -13.56 15.26
CA GLY D 65 -15.59 -13.51 14.10
C GLY D 65 -14.21 -13.03 14.49
N PHE D 66 -14.17 -12.10 15.43
CA PHE D 66 -12.91 -11.55 15.92
C PHE D 66 -12.11 -12.67 16.60
N ARG D 67 -12.78 -13.42 17.47
CA ARG D 67 -12.16 -14.51 18.22
C ARG D 67 -11.63 -15.62 17.31
N GLY D 68 -12.31 -15.87 16.20
CA GLY D 68 -11.85 -16.90 15.30
C GLY D 68 -10.46 -16.62 14.72
N VAL D 69 -10.24 -15.40 14.26
CA VAL D 69 -8.93 -15.05 13.70
C VAL D 69 -7.87 -14.98 14.79
N ALA D 70 -8.22 -14.41 15.93
CA ALA D 70 -7.27 -14.31 17.05
C ALA D 70 -6.75 -15.68 17.49
N ALA D 71 -7.66 -16.63 17.61
CA ALA D 71 -7.29 -17.99 18.01
C ALA D 71 -6.30 -18.60 17.04
N THR D 72 -6.62 -18.51 15.74
CA THR D 72 -5.77 -19.05 14.69
C THR D 72 -4.40 -18.34 14.66
N ALA D 73 -4.44 -17.03 14.84
CA ALA D 73 -3.22 -16.22 14.82
C ALA D 73 -2.33 -16.59 16.01
N SER D 74 -2.96 -16.86 17.16
CA SER D 74 -2.22 -17.22 18.36
C SER D 74 -1.44 -18.51 18.18
N ASP D 75 -2.04 -19.50 17.51
CA ASP D 75 -1.35 -20.77 17.30
C ASP D 75 -0.16 -20.58 16.34
N LEU D 76 -0.34 -19.72 15.34
CA LEU D 76 0.74 -19.45 14.39
C LEU D 76 1.89 -18.68 15.04
N LEU D 77 1.56 -17.67 15.84
CA LEU D 77 2.58 -16.86 16.51
C LEU D 77 3.40 -17.68 17.52
N ALA D 78 2.74 -18.57 18.25
CA ALA D 78 3.44 -19.40 19.23
C ALA D 78 4.54 -20.18 18.52
N LYS D 79 4.29 -20.52 17.27
CA LYS D 79 5.25 -21.27 16.47
C LYS D 79 6.28 -20.34 15.83
N MET D 80 6.25 -19.07 16.21
CA MET D 80 7.15 -18.05 15.69
C MET D 80 6.86 -17.74 14.23
N GLY D 81 5.58 -17.78 13.88
CA GLY D 81 5.18 -17.47 12.52
C GLY D 81 4.43 -16.15 12.49
N ARG D 82 4.73 -15.32 11.51
CA ARG D 82 4.08 -14.04 11.38
C ARG D 82 2.88 -14.21 10.44
N PRO D 83 1.66 -14.02 10.95
CA PRO D 83 0.43 -14.18 10.16
C PRO D 83 0.38 -13.20 8.97
N LEU D 84 0.11 -13.73 7.78
CA LEU D 84 0.03 -12.89 6.59
C LEU D 84 -1.39 -12.76 6.06
N GLY D 85 -2.22 -13.77 6.33
CA GLY D 85 -3.60 -13.73 5.88
C GLY D 85 -4.47 -14.85 6.42
N PHE D 86 -5.78 -14.66 6.37
CA PHE D 86 -6.73 -15.65 6.87
C PHE D 86 -7.87 -15.92 5.88
N THR D 87 -8.38 -17.14 5.88
CA THR D 87 -9.52 -17.49 5.04
C THR D 87 -10.64 -17.97 5.96
N LEU D 88 -11.88 -17.65 5.61
CA LEU D 88 -13.03 -18.04 6.40
C LEU D 88 -13.93 -19.08 5.77
N GLY D 89 -14.30 -20.07 6.57
CA GLY D 89 -15.19 -21.13 6.11
C GLY D 89 -16.45 -20.98 6.93
N LEU D 90 -17.54 -20.58 6.27
CA LEU D 90 -18.80 -20.38 6.98
C LEU D 90 -19.92 -21.37 6.60
N PHE D 91 -20.62 -21.83 7.62
CA PHE D 91 -21.77 -22.71 7.48
C PHE D 91 -22.86 -21.88 8.13
N LEU D 92 -23.88 -21.51 7.33
CA LEU D 92 -24.93 -20.65 7.82
C LEU D 92 -26.37 -21.07 7.46
N PRO D 93 -27.29 -20.93 8.41
CA PRO D 93 -28.69 -21.28 8.17
C PRO D 93 -29.17 -20.32 7.08
N GLU D 94 -30.12 -20.76 6.25
CA GLU D 94 -30.64 -19.94 5.16
C GLU D 94 -31.49 -18.75 5.60
N ASP D 95 -32.09 -18.84 6.79
CA ASP D 95 -32.95 -17.77 7.29
C ASP D 95 -32.19 -16.69 8.07
N LEU D 96 -30.88 -16.84 8.13
CA LEU D 96 -30.03 -15.89 8.84
C LEU D 96 -30.05 -14.52 8.17
N GLU D 97 -30.10 -13.46 8.96
CA GLU D 97 -30.10 -12.10 8.43
C GLU D 97 -28.73 -11.78 7.85
N GLU D 98 -28.72 -11.04 6.74
CA GLU D 98 -27.48 -10.65 6.07
C GLU D 98 -26.56 -9.90 7.03
N GLY D 99 -27.13 -9.03 7.85
CA GLY D 99 -26.34 -8.24 8.78
C GLY D 99 -25.52 -9.09 9.72
N PHE D 100 -26.09 -10.22 10.13
CA PHE D 100 -25.42 -11.14 11.04
C PHE D 100 -24.11 -11.60 10.42
N VAL D 101 -24.16 -11.99 9.14
CA VAL D 101 -22.97 -12.46 8.46
C VAL D 101 -21.98 -11.31 8.26
N LEU D 102 -22.51 -10.13 7.94
CA LEU D 102 -21.68 -8.96 7.72
C LEU D 102 -20.83 -8.68 8.96
N GLU D 103 -21.46 -8.80 10.13
CA GLU D 103 -20.77 -8.58 11.40
C GLU D 103 -19.70 -9.62 11.69
N LEU D 104 -19.99 -10.89 11.42
CA LEU D 104 -19.03 -11.96 11.63
C LEU D 104 -17.76 -11.62 10.86
N VAL D 105 -17.93 -11.33 9.57
CA VAL D 105 -16.80 -11.00 8.71
C VAL D 105 -16.10 -9.73 9.17
N ARG D 106 -16.87 -8.71 9.55
CA ARG D 106 -16.30 -7.46 10.03
C ARG D 106 -15.38 -7.74 11.21
N GLY D 107 -15.85 -8.61 12.11
CA GLY D 107 -15.08 -8.97 13.28
C GLY D 107 -13.78 -9.63 12.93
N ALA D 108 -13.84 -10.59 12.02
CA ALA D 108 -12.65 -11.31 11.59
C ALA D 108 -11.68 -10.35 10.91
N ALA D 109 -12.23 -9.42 10.13
CA ALA D 109 -11.42 -8.42 9.42
C ALA D 109 -10.71 -7.47 10.39
N GLU D 110 -11.40 -7.08 11.45
CA GLU D 110 -10.83 -6.17 12.45
C GLU D 110 -9.65 -6.84 13.15
N ALA D 111 -9.77 -8.12 13.44
CA ALA D 111 -8.70 -8.85 14.11
C ALA D 111 -7.53 -8.98 13.17
N ALA D 112 -7.81 -9.29 11.90
CA ALA D 112 -6.74 -9.43 10.93
C ALA D 112 -5.99 -8.11 10.78
N LYS D 113 -6.75 -7.01 10.69
CA LYS D 113 -6.17 -5.68 10.53
C LYS D 113 -5.22 -5.37 11.70
N ARG D 114 -5.67 -5.65 12.91
CA ARG D 114 -4.86 -5.41 14.11
C ARG D 114 -3.51 -6.11 14.03
N LEU D 115 -3.47 -7.24 13.33
CA LEU D 115 -2.25 -8.01 13.18
C LEU D 115 -1.49 -7.65 11.90
N GLY D 116 -1.94 -6.62 11.21
CA GLY D 116 -1.29 -6.24 9.97
C GLY D 116 -1.49 -7.32 8.93
N ALA D 117 -2.62 -8.04 9.05
CA ALA D 117 -2.94 -9.13 8.14
C ALA D 117 -4.20 -8.81 7.32
N PHE D 118 -4.72 -9.82 6.62
CA PHE D 118 -5.90 -9.63 5.79
C PHE D 118 -6.79 -10.86 5.73
N LEU D 119 -7.99 -10.66 5.17
CA LEU D 119 -8.92 -11.76 4.96
C LEU D 119 -8.77 -11.97 3.46
N LEU D 120 -8.50 -13.21 3.06
CA LEU D 120 -8.31 -13.49 1.65
C LEU D 120 -9.53 -14.21 1.10
N GLY D 121 -10.67 -13.94 1.73
CA GLY D 121 -11.91 -14.53 1.30
C GLY D 121 -12.26 -15.77 2.09
N GLY D 122 -12.74 -16.77 1.37
CA GLY D 122 -13.13 -18.00 2.03
C GLY D 122 -14.30 -18.61 1.30
N ASP D 123 -15.21 -19.21 2.05
CA ASP D 123 -16.35 -19.86 1.45
C ASP D 123 -17.55 -19.83 2.39
N THR D 124 -18.74 -19.95 1.84
CA THR D 124 -19.95 -19.96 2.62
C THR D 124 -20.80 -21.13 2.13
N ASN D 125 -21.44 -21.81 3.08
CA ASN D 125 -22.27 -22.96 2.77
C ASN D 125 -23.45 -23.02 3.72
N ARG D 126 -24.52 -23.66 3.28
CA ARG D 126 -25.71 -23.81 4.11
C ARG D 126 -25.37 -24.72 5.28
N GLY D 127 -26.05 -24.54 6.40
CA GLY D 127 -25.77 -25.37 7.55
C GLY D 127 -26.89 -25.32 8.57
N VAL D 128 -26.99 -26.36 9.38
CA VAL D 128 -28.00 -26.46 10.43
C VAL D 128 -27.88 -25.32 11.44
N GLU D 129 -26.65 -24.98 11.78
CA GLU D 129 -26.42 -23.90 12.72
C GLU D 129 -25.10 -23.23 12.35
N VAL D 130 -24.88 -22.03 12.87
CA VAL D 130 -23.67 -21.28 12.56
C VAL D 130 -22.39 -21.96 13.03
N ALA D 131 -21.52 -22.29 12.08
CA ALA D 131 -20.24 -22.92 12.34
C ALA D 131 -19.18 -22.23 11.50
N LEU D 132 -18.02 -21.97 12.07
CA LEU D 132 -16.96 -21.27 11.35
C LEU D 132 -15.55 -21.79 11.54
N THR D 133 -14.82 -21.94 10.44
CA THR D 133 -13.43 -22.38 10.52
C THR D 133 -12.57 -21.23 9.99
N VAL D 134 -11.50 -20.93 10.70
CA VAL D 134 -10.60 -19.88 10.28
C VAL D 134 -9.25 -20.51 10.05
N SER D 135 -8.70 -20.27 8.88
CA SER D 135 -7.40 -20.79 8.53
C SER D 135 -6.50 -19.60 8.24
N GLY D 136 -5.21 -19.75 8.51
CA GLY D 136 -4.29 -18.65 8.25
C GLY D 136 -2.92 -19.19 7.99
N TYR D 137 -2.12 -18.47 7.21
CA TYR D 137 -0.76 -18.92 6.96
C TYR D 137 0.24 -17.90 7.49
N ALA D 138 1.46 -18.35 7.72
CA ALA D 138 2.46 -17.47 8.27
C ALA D 138 3.86 -17.83 7.81
N LEU D 139 4.74 -16.82 7.80
CA LEU D 139 6.13 -17.01 7.41
C LEU D 139 6.94 -17.04 8.70
N ALA D 140 7.77 -18.06 8.84
CA ALA D 140 8.59 -18.19 10.05
C ALA D 140 10.07 -18.33 9.76
N GLU D 141 10.84 -17.30 10.12
CA GLU D 141 12.28 -17.32 9.92
C GLU D 141 12.87 -18.48 10.72
N ALA D 142 12.38 -18.65 11.93
CA ALA D 142 12.83 -19.72 12.81
C ALA D 142 11.63 -20.34 13.53
N PRO D 143 11.01 -21.35 12.91
CA PRO D 143 9.85 -22.02 13.50
C PRO D 143 10.15 -22.59 14.88
N LEU D 144 9.23 -22.39 15.82
CA LEU D 144 9.40 -22.87 17.18
C LEU D 144 8.45 -24.02 17.45
N PRO D 145 8.98 -25.25 17.55
CA PRO D 145 8.17 -26.45 17.80
C PRO D 145 7.98 -26.77 19.28
N ARG D 146 7.27 -27.87 19.53
CA ARG D 146 7.05 -28.33 20.90
C ARG D 146 8.30 -29.11 21.25
N LYS D 147 9.07 -28.59 22.20
CA LYS D 147 10.31 -29.24 22.60
C LYS D 147 10.75 -28.76 23.97
N ALA D 148 11.40 -29.63 24.72
CA ALA D 148 11.87 -29.27 26.06
C ALA D 148 12.97 -30.21 26.54
N LEU D 149 13.94 -29.64 27.23
CA LEU D 149 15.07 -30.38 27.77
C LEU D 149 15.13 -30.13 29.27
N PRO D 150 15.46 -31.16 30.06
CA PRO D 150 15.55 -30.99 31.52
C PRO D 150 16.48 -29.83 31.84
N GLY D 151 15.96 -28.82 32.52
CA GLY D 151 16.77 -27.67 32.86
C GLY D 151 16.22 -26.36 32.33
N ASP D 152 15.52 -26.39 31.19
CA ASP D 152 14.97 -25.18 30.61
C ASP D 152 13.92 -24.58 31.56
N LEU D 153 13.70 -23.27 31.47
CA LEU D 153 12.72 -22.59 32.31
C LEU D 153 11.38 -22.48 31.58
N LEU D 154 10.30 -22.30 32.35
CA LEU D 154 8.97 -22.18 31.77
C LEU D 154 8.35 -20.82 32.05
N TYR D 155 7.99 -20.11 30.98
CA TYR D 155 7.40 -18.79 31.06
C TYR D 155 6.00 -18.75 30.45
N LEU D 156 5.16 -17.86 30.98
CA LEU D 156 3.80 -17.69 30.47
C LEU D 156 3.75 -16.31 29.82
N ALA D 157 3.49 -16.28 28.51
CA ALA D 157 3.40 -15.02 27.78
C ALA D 157 1.96 -14.55 27.70
N GLY D 158 1.76 -13.24 27.67
CA GLY D 158 0.42 -12.70 27.59
C GLY D 158 -0.18 -12.57 28.97
N ASP D 159 -1.37 -11.97 29.06
CA ASP D 159 -2.01 -11.79 30.35
C ASP D 159 -3.51 -12.13 30.35
N ARG D 160 -3.90 -13.11 29.55
CA ARG D 160 -5.31 -13.52 29.54
C ARG D 160 -5.50 -14.67 30.53
N TRP D 161 -4.39 -15.14 31.10
CA TRP D 161 -4.41 -16.24 32.07
C TRP D 161 -5.37 -15.95 33.21
N GLY D 162 -6.28 -16.88 33.47
CA GLY D 162 -7.26 -16.71 34.53
C GLY D 162 -8.45 -15.87 34.12
N ARG D 163 -8.28 -14.97 33.16
CA ARG D 163 -9.37 -14.10 32.73
C ARG D 163 -10.40 -14.77 31.81
N THR D 164 -9.96 -15.64 30.93
CA THR D 164 -10.91 -16.32 30.05
C THR D 164 -11.75 -17.31 30.85
N GLY D 165 -11.13 -17.98 31.81
CA GLY D 165 -11.86 -18.91 32.65
C GLY D 165 -12.90 -18.18 33.46
N ALA D 166 -12.57 -16.97 33.89
CA ALA D 166 -13.50 -16.16 34.68
C ALA D 166 -14.71 -15.71 33.86
N ALA D 167 -14.48 -15.40 32.59
CA ALA D 167 -15.56 -14.96 31.72
C ALA D 167 -16.56 -16.11 31.52
N ILE D 168 -16.03 -17.30 31.32
CA ILE D 168 -16.85 -18.48 31.14
C ILE D 168 -17.69 -18.73 32.39
N ARG D 169 -17.09 -18.57 33.57
CA ARG D 169 -17.81 -18.78 34.82
C ARG D 169 -18.90 -17.74 35.00
N ALA D 170 -18.63 -16.49 34.62
CA ALA D 170 -19.61 -15.43 34.77
C ALA D 170 -20.81 -15.78 33.89
N HIS D 171 -20.54 -16.35 32.73
CA HIS D 171 -21.60 -16.73 31.81
C HIS D 171 -22.50 -17.81 32.43
N TYR D 172 -21.89 -18.91 32.85
CA TYR D 172 -22.65 -20.02 33.45
C TYR D 172 -23.29 -19.67 34.79
N GLU D 173 -22.66 -18.78 35.54
CA GLU D 173 -23.19 -18.40 36.84
C GLU D 173 -24.10 -17.17 36.77
N GLY D 174 -24.18 -16.55 35.60
CA GLY D 174 -25.03 -15.38 35.44
C GLY D 174 -24.51 -14.14 36.14
N ARG D 175 -23.19 -13.98 36.19
CA ARG D 175 -22.57 -12.83 36.84
C ARG D 175 -22.24 -11.75 35.81
N SER D 176 -22.24 -10.50 36.27
CA SER D 176 -21.95 -9.37 35.38
C SER D 176 -20.46 -9.06 35.32
N LEU D 177 -19.98 -8.69 34.14
CA LEU D 177 -18.57 -8.37 33.97
C LEU D 177 -18.32 -6.86 34.03
N GLU D 178 -19.33 -6.09 34.41
CA GLU D 178 -19.13 -4.65 34.54
C GLU D 178 -18.41 -4.52 35.88
N GLY D 179 -17.10 -4.35 35.82
CA GLY D 179 -16.29 -4.24 37.02
C GLY D 179 -15.05 -5.05 36.73
N PHE D 180 -15.12 -5.80 35.63
CA PHE D 180 -14.03 -6.65 35.19
C PHE D 180 -13.78 -6.42 33.68
N PRO D 181 -13.51 -5.17 33.29
CA PRO D 181 -13.26 -4.83 31.88
C PRO D 181 -12.12 -5.62 31.23
N LYS D 182 -11.11 -5.94 32.02
CA LYS D 182 -9.98 -6.70 31.50
C LYS D 182 -10.44 -8.13 31.20
N ILE D 183 -11.35 -8.63 32.02
CA ILE D 183 -11.88 -9.98 31.83
C ILE D 183 -12.82 -9.96 30.62
N ARG D 184 -13.65 -8.93 30.53
CA ARG D 184 -14.58 -8.80 29.42
C ARG D 184 -13.80 -8.69 28.10
N GLU D 185 -12.68 -7.98 28.14
CA GLU D 185 -11.84 -7.78 26.95
C GLU D 185 -11.18 -9.08 26.50
N ALA D 186 -10.70 -9.86 27.45
CA ALA D 186 -10.03 -11.13 27.14
C ALA D 186 -11.01 -12.12 26.52
N ALA D 187 -12.29 -11.97 26.84
CA ALA D 187 -13.32 -12.86 26.32
C ALA D 187 -13.86 -12.36 24.98
N PHE D 188 -14.01 -11.04 24.86
CA PHE D 188 -14.54 -10.42 23.65
C PHE D 188 -13.51 -10.16 22.56
N TYR D 189 -12.36 -9.62 22.93
CA TYR D 189 -11.32 -9.28 21.96
C TYR D 189 -9.92 -9.77 22.34
N PRO D 190 -9.74 -11.09 22.43
CA PRO D 190 -8.46 -11.72 22.78
C PRO D 190 -7.41 -11.74 21.68
N LEU D 191 -7.05 -10.58 21.16
CA LEU D 191 -6.06 -10.49 20.09
C LEU D 191 -4.66 -10.94 20.55
N PRO D 192 -4.01 -11.81 19.77
CA PRO D 192 -2.67 -12.29 20.12
C PRO D 192 -1.62 -11.19 19.97
N ARG D 193 -0.52 -11.33 20.70
CA ARG D 193 0.52 -10.33 20.66
C ARG D 193 1.64 -10.62 19.67
N LEU D 194 1.79 -9.72 18.69
CA LEU D 194 2.83 -9.84 17.68
C LEU D 194 4.19 -9.79 18.37
N GLU D 195 4.25 -9.10 19.50
CA GLU D 195 5.47 -8.96 20.28
C GLU D 195 6.17 -10.30 20.48
N LEU D 196 5.39 -11.37 20.61
CA LEU D 196 5.95 -12.69 20.80
C LEU D 196 7.06 -13.00 19.82
N LEU D 197 6.95 -12.46 18.61
CA LEU D 197 7.95 -12.69 17.56
C LEU D 197 9.33 -12.12 17.91
N ALA D 198 9.37 -11.20 18.87
CA ALA D 198 10.64 -10.62 19.31
C ALA D 198 11.55 -11.69 19.92
N LEU D 199 10.96 -12.79 20.35
CA LEU D 199 11.72 -13.88 20.96
C LEU D 199 12.10 -14.96 19.95
N SER D 200 11.83 -14.69 18.68
CA SER D 200 12.13 -15.64 17.63
C SER D 200 13.61 -16.04 17.62
N GLY D 201 13.86 -17.35 17.55
CA GLY D 201 15.22 -17.85 17.53
C GLY D 201 15.88 -18.06 18.88
N LEU D 202 15.33 -17.46 19.93
CA LEU D 202 15.90 -17.59 21.27
C LEU D 202 15.38 -18.81 22.04
N LEU D 203 14.06 -19.01 22.01
CA LEU D 203 13.43 -20.12 22.73
C LEU D 203 13.80 -21.52 22.26
N ARG D 204 13.49 -22.49 23.10
CA ARG D 204 13.76 -23.90 22.83
C ARG D 204 12.51 -24.54 22.23
N GLY D 205 11.35 -24.10 22.71
CA GLY D 205 10.10 -24.64 22.23
C GLY D 205 8.95 -23.80 22.75
N SER D 206 7.73 -24.15 22.35
CA SER D 206 6.56 -23.43 22.81
C SER D 206 5.32 -24.30 22.69
N LEU D 207 4.26 -23.87 23.39
CA LEU D 207 2.98 -24.57 23.38
C LEU D 207 1.94 -23.46 23.49
N ASP D 208 0.89 -23.53 22.67
CA ASP D 208 -0.15 -22.53 22.79
C ASP D 208 -1.25 -23.15 23.65
N SER D 209 -1.67 -22.43 24.68
CA SER D 209 -2.70 -22.94 25.59
C SER D 209 -4.10 -22.44 25.29
N SER D 210 -4.94 -23.33 24.75
CA SER D 210 -6.31 -22.97 24.43
C SER D 210 -7.30 -23.89 25.17
N ASP D 211 -6.82 -25.05 25.59
CA ASP D 211 -7.67 -26.01 26.29
C ASP D 211 -7.37 -26.10 27.78
N GLY D 212 -6.68 -25.09 28.31
CA GLY D 212 -6.34 -25.08 29.72
C GLY D 212 -4.84 -25.20 29.95
N LEU D 213 -4.31 -24.38 30.85
CA LEU D 213 -2.89 -24.40 31.15
C LEU D 213 -2.43 -25.77 31.67
N ALA D 214 -3.16 -26.32 32.64
CA ALA D 214 -2.79 -27.63 33.17
C ALA D 214 -2.69 -28.65 32.04
N GLU D 215 -3.67 -28.61 31.14
CA GLU D 215 -3.71 -29.52 30.01
C GLU D 215 -2.46 -29.32 29.15
N THR D 216 -2.13 -28.04 28.89
CA THR D 216 -0.95 -27.71 28.09
C THR D 216 0.31 -28.26 28.76
N LEU D 217 0.42 -28.02 30.06
CA LEU D 217 1.59 -28.49 30.81
C LEU D 217 1.75 -30.01 30.67
N TRP D 218 0.64 -30.74 30.66
CA TRP D 218 0.69 -32.18 30.51
C TRP D 218 1.04 -32.60 29.09
N GLN D 219 0.71 -31.74 28.12
CA GLN D 219 1.04 -32.03 26.75
C GLN D 219 2.55 -31.94 26.63
N LEU D 220 3.11 -30.97 27.36
CA LEU D 220 4.55 -30.76 27.38
C LEU D 220 5.20 -31.96 28.08
N ALA D 221 4.70 -32.28 29.27
CA ALA D 221 5.21 -33.40 30.04
C ALA D 221 5.19 -34.66 29.19
N ASP D 222 4.13 -34.82 28.40
CA ASP D 222 4.01 -36.01 27.55
C ASP D 222 5.07 -36.09 26.45
N LEU D 223 5.92 -35.08 26.36
CA LEU D 223 6.98 -35.08 25.37
C LEU D 223 8.07 -36.01 25.87
N GLY D 224 8.04 -36.28 27.17
CA GLY D 224 9.04 -37.15 27.77
C GLY D 224 9.87 -36.47 28.83
N VAL D 225 9.24 -35.59 29.60
CA VAL D 225 9.93 -34.86 30.68
C VAL D 225 8.99 -34.53 31.82
N GLY D 226 9.56 -33.99 32.89
CA GLY D 226 8.75 -33.63 34.04
C GLY D 226 8.55 -32.13 34.04
N VAL D 227 7.46 -31.68 34.68
CA VAL D 227 7.16 -30.26 34.74
C VAL D 227 6.89 -29.83 36.18
N GLU D 228 7.66 -28.83 36.63
CA GLU D 228 7.53 -28.31 37.98
C GLU D 228 7.13 -26.84 37.93
N VAL D 229 5.92 -26.55 38.40
CA VAL D 229 5.43 -25.17 38.41
C VAL D 229 5.75 -24.56 39.76
N GLU D 230 6.42 -23.41 39.74
CA GLU D 230 6.78 -22.73 40.97
C GLU D 230 5.76 -21.65 41.32
N ALA D 231 5.29 -20.92 40.32
CA ALA D 231 4.31 -19.86 40.57
C ALA D 231 3.37 -19.63 39.40
N LEU D 232 2.23 -19.00 39.68
CA LEU D 232 1.23 -18.70 38.66
C LEU D 232 0.72 -17.28 38.83
N PRO D 233 0.46 -16.59 37.73
CA PRO D 233 -0.04 -15.22 37.82
C PRO D 233 -1.49 -15.14 38.28
N LEU D 234 -1.72 -14.35 39.32
CA LEU D 234 -3.07 -14.16 39.85
C LEU D 234 -3.36 -12.66 39.83
N TYR D 235 -3.90 -12.18 38.72
CA TYR D 235 -4.21 -10.77 38.56
C TYR D 235 -5.27 -10.32 39.55
N PRO D 236 -5.21 -9.04 39.98
CA PRO D 236 -6.17 -8.47 40.94
C PRO D 236 -7.63 -8.65 40.57
N ASP D 237 -7.96 -8.50 39.29
CA ASP D 237 -9.35 -8.65 38.87
C ASP D 237 -9.82 -10.11 38.96
N VAL D 238 -8.95 -11.03 38.56
CA VAL D 238 -9.29 -12.45 38.62
C VAL D 238 -9.44 -12.86 40.07
N LEU D 239 -8.46 -12.47 40.90
CA LEU D 239 -8.50 -12.78 42.31
C LEU D 239 -9.82 -12.24 42.89
N ALA D 240 -10.16 -11.02 42.50
CA ALA D 240 -11.37 -10.35 42.98
C ALA D 240 -12.64 -11.07 42.54
N PHE D 241 -12.65 -11.53 41.29
CA PHE D 241 -13.81 -12.24 40.77
C PHE D 241 -13.95 -13.60 41.48
N ALA D 242 -12.85 -14.33 41.56
CA ALA D 242 -12.80 -15.65 42.18
C ALA D 242 -13.18 -15.70 43.66
N GLY D 243 -12.69 -14.73 44.44
CA GLY D 243 -13.03 -14.70 45.85
C GLY D 243 -11.98 -15.26 46.79
N SER D 244 -10.95 -15.87 46.24
CA SER D 244 -9.88 -16.45 47.04
C SER D 244 -8.73 -16.84 46.13
N GLU D 245 -7.55 -17.02 46.71
CA GLU D 245 -6.39 -17.41 45.94
C GLU D 245 -6.64 -18.81 45.37
N GLU D 246 -7.37 -19.61 46.15
CA GLU D 246 -7.69 -20.96 45.75
C GLU D 246 -8.63 -20.99 44.54
N ALA D 247 -9.68 -20.17 44.59
CA ALA D 247 -10.63 -20.12 43.50
C ALA D 247 -9.96 -19.55 42.24
N ALA D 248 -9.09 -18.56 42.42
CA ALA D 248 -8.39 -17.94 41.31
C ALA D 248 -7.47 -18.93 40.60
N LEU D 249 -6.74 -19.74 41.38
CA LEU D 249 -5.84 -20.72 40.80
C LEU D 249 -6.58 -21.73 39.93
N GLU D 250 -7.81 -22.06 40.31
CA GLU D 250 -8.61 -23.00 39.54
C GLU D 250 -8.88 -22.40 38.15
N LEU D 251 -9.22 -21.11 38.14
CA LEU D 251 -9.49 -20.40 36.89
C LEU D 251 -8.28 -20.37 35.95
N VAL D 252 -7.09 -20.21 36.53
CA VAL D 252 -5.85 -20.17 35.75
C VAL D 252 -5.43 -21.52 35.19
N LEU D 253 -5.53 -22.56 36.01
CA LEU D 253 -5.13 -23.90 35.62
C LEU D 253 -6.18 -24.63 34.80
N TYR D 254 -7.45 -24.41 35.11
CA TYR D 254 -8.54 -25.09 34.42
C TYR D 254 -9.58 -24.14 33.82
N GLY D 255 -9.11 -23.01 33.30
CA GLY D 255 -10.02 -22.04 32.69
C GLY D 255 -10.29 -22.31 31.23
N GLY D 256 -9.24 -22.28 30.41
CA GLY D 256 -9.37 -22.53 28.99
C GLY D 256 -9.60 -21.31 28.12
N GLU D 257 -9.39 -21.48 26.82
CA GLU D 257 -9.59 -20.42 25.84
C GLU D 257 -8.67 -19.20 26.03
N GLU D 258 -7.48 -19.42 26.59
CA GLU D 258 -6.55 -18.30 26.78
C GLU D 258 -5.87 -17.95 25.46
N PHE D 259 -5.44 -18.98 24.74
CA PHE D 259 -4.74 -18.82 23.48
C PHE D 259 -3.51 -17.94 23.71
N GLU D 260 -2.81 -18.24 24.80
CA GLU D 260 -1.59 -17.56 25.20
C GLU D 260 -0.52 -18.65 25.19
N ALA D 261 0.73 -18.28 24.93
CA ALA D 261 1.80 -19.25 24.85
C ALA D 261 2.52 -19.57 26.15
N VAL D 262 2.99 -20.82 26.21
CA VAL D 262 3.78 -21.34 27.32
C VAL D 262 5.11 -21.49 26.61
N LEU D 263 6.15 -20.86 27.13
CA LEU D 263 7.47 -20.93 26.50
C LEU D 263 8.51 -21.76 27.24
N VAL D 264 9.34 -22.48 26.48
CA VAL D 264 10.40 -23.30 27.04
C VAL D 264 11.69 -22.54 26.74
N VAL D 265 12.30 -21.98 27.78
CA VAL D 265 13.50 -21.18 27.62
C VAL D 265 14.78 -21.80 28.19
N PRO D 266 15.88 -21.78 27.40
CA PRO D 266 17.14 -22.34 27.90
C PRO D 266 17.61 -21.44 29.04
N GLN D 267 18.13 -22.05 30.11
CA GLN D 267 18.57 -21.28 31.28
C GLN D 267 19.43 -20.05 31.04
N GLU D 268 20.46 -20.16 30.19
CA GLU D 268 21.29 -19.00 29.95
C GLU D 268 20.53 -17.90 29.22
N GLY D 269 19.94 -18.27 28.08
CA GLY D 269 19.18 -17.31 27.29
C GLY D 269 18.05 -16.65 28.06
N ALA D 270 17.77 -17.13 29.26
CA ALA D 270 16.71 -16.59 30.09
C ALA D 270 16.76 -15.08 30.22
N ALA D 271 17.85 -14.57 30.78
CA ALA D 271 18.01 -13.13 30.97
C ALA D 271 17.87 -12.36 29.67
N ALA D 272 18.38 -12.92 28.59
CA ALA D 272 18.29 -12.27 27.28
C ALA D 272 16.84 -12.20 26.81
N VAL D 273 16.07 -13.23 27.14
CA VAL D 273 14.67 -13.30 26.75
C VAL D 273 13.81 -12.33 27.57
N GLU D 274 14.05 -12.28 28.88
CA GLU D 274 13.29 -11.38 29.75
C GLU D 274 13.60 -9.93 29.40
N ALA D 275 14.81 -9.69 28.90
CA ALA D 275 15.23 -8.34 28.52
C ALA D 275 14.46 -7.90 27.27
N ARG D 276 14.33 -8.81 26.33
CA ARG D 276 13.63 -8.54 25.08
C ARG D 276 12.16 -8.23 25.35
N ALA D 277 11.47 -9.15 26.01
CA ALA D 277 10.06 -8.98 26.33
C ALA D 277 9.77 -7.65 27.03
N LYS D 278 10.68 -7.25 27.91
CA LYS D 278 10.52 -6.00 28.64
C LYS D 278 10.53 -4.83 27.66
N ALA D 279 11.50 -4.85 26.75
CA ALA D 279 11.64 -3.79 25.76
C ALA D 279 10.41 -3.65 24.87
N LYS D 280 9.99 -4.77 24.26
CA LYS D 280 8.83 -4.77 23.37
C LYS D 280 7.50 -4.69 24.11
N GLY D 281 7.53 -4.82 25.43
CA GLY D 281 6.30 -4.76 26.21
C GLY D 281 5.47 -6.04 26.22
N LEU D 282 6.13 -7.17 26.03
CA LEU D 282 5.42 -8.46 26.03
C LEU D 282 5.32 -9.04 27.44
N PRO D 283 4.14 -8.99 28.06
CA PRO D 283 3.98 -9.53 29.41
C PRO D 283 4.63 -10.91 29.50
N LEU D 284 5.47 -11.11 30.50
CA LEU D 284 6.17 -12.38 30.67
C LEU D 284 6.17 -12.77 32.15
N PHE D 285 5.92 -14.05 32.42
CA PHE D 285 5.86 -14.55 33.79
C PHE D 285 6.63 -15.87 33.92
N ARG D 286 7.61 -15.89 34.81
CA ARG D 286 8.40 -17.09 35.04
C ARG D 286 7.51 -17.97 35.92
N ALA D 287 7.18 -19.16 35.44
CA ALA D 287 6.29 -20.05 36.20
C ALA D 287 6.92 -21.33 36.72
N GLY D 288 7.98 -21.80 36.07
CA GLY D 288 8.62 -23.02 36.52
C GLY D 288 9.80 -23.46 35.69
N ARG D 289 10.01 -24.77 35.62
CA ARG D 289 11.12 -25.34 34.88
C ARG D 289 10.84 -26.78 34.45
N VAL D 290 11.62 -27.27 33.49
CA VAL D 290 11.49 -28.64 33.01
C VAL D 290 12.50 -29.50 33.76
N VAL D 291 12.00 -30.44 34.56
CA VAL D 291 12.88 -31.30 35.33
C VAL D 291 12.93 -32.71 34.78
N ALA D 292 13.63 -33.59 35.50
CA ALA D 292 13.77 -34.98 35.11
C ALA D 292 12.57 -35.75 35.65
N GLY D 293 12.31 -36.92 35.08
CA GLY D 293 11.19 -37.73 35.53
C GLY D 293 9.98 -37.61 34.63
N GLU D 294 8.80 -37.75 35.23
CA GLU D 294 7.56 -37.66 34.47
C GLU D 294 6.46 -36.97 35.27
N GLY D 295 5.44 -36.51 34.58
CA GLY D 295 4.32 -35.84 35.23
C GLY D 295 4.51 -34.37 35.48
N VAL D 296 3.43 -33.72 35.89
CA VAL D 296 3.45 -32.29 36.18
C VAL D 296 3.22 -32.10 37.67
N TYR D 297 3.93 -31.12 38.26
CA TYR D 297 3.80 -30.85 39.69
C TYR D 297 3.68 -29.36 40.02
N LEU D 298 2.89 -29.06 41.05
CA LEU D 298 2.70 -27.70 41.53
C LEU D 298 3.42 -27.61 42.88
N ARG D 299 4.61 -27.02 42.86
CA ARG D 299 5.43 -26.87 44.06
C ARG D 299 5.69 -28.20 44.79
N GLY D 300 6.05 -29.23 44.01
CA GLY D 300 6.35 -30.52 44.58
C GLY D 300 5.23 -31.54 44.60
N ALA D 301 3.98 -31.06 44.58
CA ALA D 301 2.83 -31.96 44.60
C ALA D 301 2.23 -32.15 43.21
N PRO D 302 1.76 -33.38 42.90
CA PRO D 302 1.17 -33.72 41.60
C PRO D 302 0.04 -32.77 41.19
N LEU D 303 0.01 -32.43 39.90
CA LEU D 303 -1.00 -31.51 39.35
C LEU D 303 -1.96 -32.29 38.46
N PRO D 304 -3.22 -32.48 38.91
CA PRO D 304 -4.24 -33.20 38.15
C PRO D 304 -4.43 -32.62 36.75
N ARG D 305 -4.41 -33.47 35.74
CA ARG D 305 -4.58 -33.03 34.36
C ARG D 305 -6.00 -32.56 34.06
#